data_2GN8
#
_entry.id   2GN8
#
_cell.length_a   111.056
_cell.length_b   111.056
_cell.length_c   107.790
_cell.angle_alpha   90.00
_cell.angle_beta   90.00
_cell.angle_gamma   120.00
#
_symmetry.space_group_name_H-M   'P 63'
#
loop_
_entity.id
_entity.type
_entity.pdbx_description
1 polymer 'UDP-GlcNAc C6 dehydratase'
2 non-polymer 'NADP NICOTINAMIDE-ADENINE-DINUCLEOTIDE PHOSPHATE'
3 non-polymer "URIDINE-5'-DIPHOSPHATE"
4 non-polymer '2-(N-MORPHOLINO)-ETHANESULFONIC ACID'
5 water water
#
_entity_poly.entity_id   1
_entity_poly.type   'polypeptide(L)'
_entity_poly.pdbx_seq_one_letter_code
;MHHHHHHGSMSMPNHQNMLDNQTILITGGTGSFGKCFVRKVLDTTNAKKIIVYSRDELKQSEMAMEFNDPRMRFFIGDVR
DLERLNYALEGVDICIHAAALKHVPIAEYNPLECIKTNIMGASNVINACLKNAISQVIALSTDKAANPINLYGATKLCSD
KLFVSANNFKGSSQTQFSVVRYGNVVGSRGSVVPFFKKLVQNKASEIPITDIRMTRFWITLDEGVSFVLKSLKRMHGGEI
FVPKIPSMKMTDLAKALAPNTPTKIIGIRPGEKLHEVMIPKDESHLALEFEDFFIIQPTISFQTPKDYTLTKLHEKGQKV
APDFEYSSHNNNQWLEPDDLLKLL
;
_entity_poly.pdbx_strand_id   A,B
#
loop_
_chem_comp.id
_chem_comp.type
_chem_comp.name
_chem_comp.formula
MES non-polymer '2-(N-MORPHOLINO)-ETHANESULFONIC ACID' 'C6 H13 N O4 S'
NAP non-polymer 'NADP NICOTINAMIDE-ADENINE-DINUCLEOTIDE PHOSPHATE' 'C21 H28 N7 O17 P3'
UDP RNA linking URIDINE-5'-DIPHOSPHATE 'C9 H14 N2 O12 P2'
#
# COMPACT_ATOMS: atom_id res chain seq x y z
N MET A 18 32.63 -2.44 -2.83
CA MET A 18 33.61 -1.51 -2.18
C MET A 18 33.34 -0.07 -2.59
N LEU A 19 33.58 0.84 -1.65
CA LEU A 19 33.38 2.27 -1.88
C LEU A 19 34.71 2.94 -2.20
N ASP A 20 35.72 2.12 -2.45
CA ASP A 20 37.07 2.59 -2.74
C ASP A 20 37.13 3.78 -3.69
N ASN A 21 37.30 4.98 -3.12
CA ASN A 21 37.39 6.21 -3.90
C ASN A 21 36.16 6.49 -4.75
N GLN A 22 35.01 5.99 -4.30
CA GLN A 22 33.75 6.20 -4.99
C GLN A 22 32.98 7.36 -4.36
N THR A 23 31.96 7.86 -5.06
CA THR A 23 31.16 8.95 -4.54
C THR A 23 29.79 8.43 -4.12
N ILE A 24 29.43 8.70 -2.87
CA ILE A 24 28.15 8.23 -2.36
C ILE A 24 27.27 9.40 -1.90
N LEU A 25 25.98 9.28 -2.19
CA LEU A 25 24.99 10.30 -1.81
C LEU A 25 23.88 9.65 -1.02
N ILE A 26 23.49 10.29 0.08
CA ILE A 26 22.45 9.78 0.96
C ILE A 26 21.29 10.76 1.10
N THR A 27 20.11 10.42 0.58
CA THR A 27 18.97 11.31 0.74
C THR A 27 18.57 11.14 2.20
N GLY A 28 18.09 12.22 2.83
CA GLY A 28 17.74 12.16 4.23
C GLY A 28 18.97 11.87 5.06
N GLY A 29 20.11 12.39 4.61
CA GLY A 29 21.38 12.16 5.31
C GLY A 29 21.56 12.78 6.68
N THR A 30 20.69 13.72 7.04
CA THR A 30 20.80 14.38 8.35
C THR A 30 20.01 13.63 9.41
N GLY A 31 19.32 12.56 9.01
CA GLY A 31 18.54 11.80 9.97
C GLY A 31 19.33 10.79 10.78
N SER A 32 18.64 10.04 11.64
CA SER A 32 19.29 9.04 12.48
C SER A 32 20.13 8.07 11.67
N PHE A 33 19.50 7.38 10.73
CA PHE A 33 20.23 6.44 9.90
C PHE A 33 21.35 7.18 9.21
N GLY A 34 21.01 8.33 8.63
CA GLY A 34 21.98 9.15 7.91
C GLY A 34 23.30 9.47 8.58
N LYS A 35 23.23 10.01 9.80
CA LYS A 35 24.44 10.38 10.53
C LYS A 35 25.28 9.16 10.90
N CYS A 36 24.62 8.08 11.26
CA CYS A 36 25.32 6.85 11.63
C CYS A 36 26.01 6.29 10.39
N PHE A 37 25.31 6.30 9.26
CA PHE A 37 25.86 5.77 8.01
C PHE A 37 27.08 6.57 7.56
N VAL A 38 26.96 7.90 7.63
CA VAL A 38 28.05 8.77 7.23
C VAL A 38 29.30 8.53 8.09
N ARG A 39 29.09 8.34 9.40
CA ARG A 39 30.21 8.11 10.30
C ARG A 39 30.92 6.81 9.91
N LYS A 40 30.13 5.76 9.67
CA LYS A 40 30.67 4.45 9.30
C LYS A 40 31.45 4.48 8.00
N VAL A 41 30.93 5.18 7.00
CA VAL A 41 31.58 5.28 5.70
C VAL A 41 32.91 6.04 5.77
N LEU A 42 32.93 7.10 6.58
CA LEU A 42 34.14 7.88 6.74
C LEU A 42 35.22 7.06 7.43
N ASP A 43 34.82 6.35 8.48
CA ASP A 43 35.72 5.55 9.29
C ASP A 43 36.14 4.20 8.73
N THR A 44 35.28 3.55 7.96
CA THR A 44 35.59 2.23 7.45
C THR A 44 35.79 2.04 5.96
N THR A 45 35.72 3.11 5.17
CA THR A 45 35.91 2.97 3.72
C THR A 45 36.76 4.11 3.19
N ASN A 46 37.12 4.02 1.92
CA ASN A 46 37.90 5.06 1.27
C ASN A 46 37.08 5.89 0.30
N ALA A 47 35.79 6.06 0.60
CA ALA A 47 34.94 6.87 -0.26
C ALA A 47 35.62 8.22 -0.40
N LYS A 48 35.67 8.75 -1.61
CA LYS A 48 36.31 10.03 -1.83
C LYS A 48 35.39 11.19 -1.50
N LYS A 49 34.09 10.95 -1.59
CA LYS A 49 33.11 11.99 -1.30
C LYS A 49 31.77 11.42 -0.82
N ILE A 50 31.23 12.03 0.22
CA ILE A 50 29.96 11.60 0.79
C ILE A 50 29.05 12.81 0.77
N ILE A 51 27.98 12.71 0.00
CA ILE A 51 27.04 13.82 -0.16
C ILE A 51 25.75 13.63 0.63
N VAL A 52 25.41 14.64 1.42
CA VAL A 52 24.19 14.63 2.20
C VAL A 52 23.18 15.47 1.44
N TYR A 53 22.01 14.88 1.17
CA TYR A 53 20.94 15.56 0.43
C TYR A 53 19.70 15.57 1.31
N SER A 54 19.31 16.75 1.77
CA SER A 54 18.14 16.88 2.64
C SER A 54 17.69 18.34 2.62
N ARG A 55 16.53 18.61 3.23
CA ARG A 55 15.96 19.94 3.20
C ARG A 55 16.36 20.99 4.24
N ASP A 56 16.57 20.54 5.46
CA ASP A 56 16.85 21.46 6.56
C ASP A 56 18.24 22.07 6.73
N GLU A 57 18.32 23.39 6.56
CA GLU A 57 19.58 24.10 6.71
C GLU A 57 20.10 24.04 8.15
N LEU A 58 19.22 23.94 9.14
CA LEU A 58 19.69 23.89 10.53
C LEU A 58 20.46 22.59 10.78
N LYS A 59 19.83 21.46 10.50
CA LYS A 59 20.49 20.17 10.69
C LYS A 59 21.75 20.01 9.84
N GLN A 60 21.74 20.55 8.62
CA GLN A 60 22.93 20.43 7.79
C GLN A 60 24.07 21.29 8.31
N SER A 61 23.76 22.45 8.87
CA SER A 61 24.81 23.32 9.42
C SER A 61 25.40 22.67 10.66
N GLU A 62 24.55 22.07 11.47
CA GLU A 62 25.02 21.40 12.68
C GLU A 62 25.80 20.13 12.32
N MET A 63 25.34 19.43 11.29
CA MET A 63 26.03 18.20 10.87
C MET A 63 27.39 18.53 10.26
N ALA A 64 27.46 19.63 9.51
CA ALA A 64 28.73 20.03 8.91
C ALA A 64 29.78 20.30 9.99
N MET A 65 29.37 20.98 11.06
CA MET A 65 30.28 21.27 12.16
C MET A 65 30.65 19.99 12.89
N GLU A 66 29.69 19.07 12.97
CA GLU A 66 29.89 17.79 13.64
C GLU A 66 30.85 16.92 12.82
N PHE A 67 30.62 16.90 11.50
CA PHE A 67 31.46 16.13 10.59
C PHE A 67 32.30 17.11 9.77
N ASN A 68 33.22 17.79 10.45
CA ASN A 68 34.10 18.75 9.79
C ASN A 68 35.16 17.96 9.05
N ASP A 69 34.76 17.41 7.91
CA ASP A 69 35.64 16.59 7.10
C ASP A 69 35.49 16.97 5.63
N PRO A 70 36.60 17.30 4.96
CA PRO A 70 36.60 17.69 3.54
C PRO A 70 35.99 16.69 2.58
N ARG A 71 35.74 15.47 3.04
CA ARG A 71 35.14 14.46 2.17
C ARG A 71 33.62 14.64 2.13
N MET A 72 33.10 15.47 3.04
CA MET A 72 31.68 15.73 3.11
C MET A 72 31.25 16.84 2.15
N ARG A 73 30.00 16.76 1.70
CA ARG A 73 29.42 17.75 0.83
C ARG A 73 27.94 17.77 1.17
N PHE A 74 27.39 18.96 1.37
CA PHE A 74 25.98 19.11 1.71
C PHE A 74 25.21 19.86 0.65
N PHE A 75 24.10 19.27 0.22
CA PHE A 75 23.21 19.86 -0.78
C PHE A 75 21.84 20.02 -0.14
N ILE A 76 21.33 21.24 -0.09
CA ILE A 76 19.99 21.48 0.43
C ILE A 76 19.13 21.05 -0.76
N GLY A 77 18.15 20.20 -0.52
CA GLY A 77 17.28 19.74 -1.60
C GLY A 77 16.17 18.84 -1.09
N ASP A 78 15.11 18.74 -1.89
CA ASP A 78 13.93 17.94 -1.56
C ASP A 78 13.83 16.77 -2.54
N VAL A 79 13.48 15.58 -2.06
CA VAL A 79 13.37 14.45 -2.99
C VAL A 79 12.12 14.59 -3.88
N ARG A 80 11.30 15.60 -3.62
CA ARG A 80 10.11 15.85 -4.45
C ARG A 80 10.49 16.71 -5.65
N ASP A 81 11.76 17.15 -5.65
CA ASP A 81 12.29 18.03 -6.67
C ASP A 81 13.23 17.28 -7.61
N LEU A 82 12.69 16.78 -8.72
CA LEU A 82 13.44 16.02 -9.69
C LEU A 82 14.63 16.76 -10.30
N GLU A 83 14.43 18.03 -10.66
CA GLU A 83 15.51 18.81 -11.24
C GLU A 83 16.67 18.92 -10.26
N ARG A 84 16.37 19.15 -8.98
CA ARG A 84 17.41 19.29 -7.97
C ARG A 84 18.16 17.96 -7.79
N LEU A 85 17.44 16.84 -7.79
CA LEU A 85 18.09 15.53 -7.65
C LEU A 85 18.97 15.26 -8.88
N ASN A 86 18.50 15.63 -10.07
CA ASN A 86 19.26 15.44 -11.31
C ASN A 86 20.64 16.08 -11.18
N TYR A 87 20.66 17.27 -10.60
CA TYR A 87 21.88 18.02 -10.39
C TYR A 87 22.79 17.43 -9.31
N ALA A 88 22.20 17.16 -8.15
CA ALA A 88 22.95 16.62 -7.01
C ALA A 88 23.56 15.24 -7.22
N LEU A 89 22.92 14.41 -8.07
CA LEU A 89 23.44 13.05 -8.31
C LEU A 89 24.51 12.96 -9.41
N GLU A 90 24.94 14.09 -9.95
CA GLU A 90 25.97 14.10 -10.98
C GLU A 90 27.27 13.56 -10.37
N GLY A 91 27.89 12.60 -11.05
CA GLY A 91 29.14 12.04 -10.56
C GLY A 91 29.04 11.11 -9.36
N VAL A 92 27.82 10.67 -9.04
CA VAL A 92 27.63 9.76 -7.91
C VAL A 92 27.66 8.30 -8.37
N ASP A 93 28.28 7.45 -7.55
CA ASP A 93 28.40 6.03 -7.86
C ASP A 93 27.38 5.21 -7.08
N ILE A 94 27.16 5.58 -5.83
CA ILE A 94 26.21 4.87 -4.99
C ILE A 94 25.23 5.84 -4.31
N CYS A 95 23.95 5.49 -4.35
CA CYS A 95 22.93 6.32 -3.73
C CYS A 95 22.18 5.52 -2.68
N ILE A 96 22.15 6.06 -1.47
CA ILE A 96 21.43 5.43 -0.37
C ILE A 96 20.21 6.32 -0.17
N HIS A 97 19.02 5.76 -0.36
CA HIS A 97 17.78 6.53 -0.23
C HIS A 97 17.09 6.33 1.12
N ALA A 98 17.30 7.28 2.02
CA ALA A 98 16.72 7.20 3.37
C ALA A 98 15.76 8.34 3.67
N ALA A 99 15.51 9.20 2.68
CA ALA A 99 14.57 10.31 2.90
C ALA A 99 13.16 9.76 3.01
N ALA A 100 12.40 10.23 4.00
CA ALA A 100 11.04 9.77 4.16
C ALA A 100 10.28 10.51 5.25
N LEU A 101 8.96 10.36 5.23
CA LEU A 101 8.07 10.90 6.25
C LEU A 101 7.67 9.55 6.85
N LYS A 102 8.00 9.32 8.11
CA LYS A 102 7.73 8.02 8.73
C LYS A 102 6.81 8.01 9.94
N HIS A 103 6.35 9.17 10.39
CA HIS A 103 5.47 9.23 11.56
C HIS A 103 4.09 8.70 11.12
N VAL A 104 3.75 7.49 11.58
CA VAL A 104 2.48 6.88 11.20
C VAL A 104 1.25 7.75 11.42
N PRO A 105 1.02 8.23 12.66
CA PRO A 105 -0.18 9.06 12.81
C PRO A 105 -0.16 10.39 12.03
N ILE A 106 1.01 10.99 11.86
CA ILE A 106 1.05 12.24 11.10
C ILE A 106 0.76 11.92 9.62
N ALA A 107 1.19 10.74 9.17
CA ALA A 107 0.95 10.34 7.79
C ALA A 107 -0.54 10.07 7.56
N GLU A 108 -1.23 9.62 8.61
CA GLU A 108 -2.67 9.35 8.51
C GLU A 108 -3.42 10.67 8.34
N TYR A 109 -2.94 11.71 9.01
CA TYR A 109 -3.56 13.04 8.94
C TYR A 109 -3.07 13.88 7.77
N ASN A 110 -1.92 13.51 7.19
CA ASN A 110 -1.36 14.23 6.04
C ASN A 110 -0.96 13.21 4.98
N PRO A 111 -1.91 12.38 4.54
CA PRO A 111 -1.65 11.34 3.54
C PRO A 111 -0.98 11.76 2.23
N LEU A 112 -1.45 12.84 1.62
CA LEU A 112 -0.86 13.27 0.37
C LEU A 112 0.60 13.69 0.58
N GLU A 113 0.90 14.30 1.73
CA GLU A 113 2.28 14.70 1.99
C GLU A 113 3.18 13.46 2.06
N CYS A 114 2.71 12.43 2.76
CA CYS A 114 3.47 11.19 2.86
C CYS A 114 3.65 10.55 1.47
N ILE A 115 2.58 10.59 0.67
CA ILE A 115 2.62 10.05 -0.68
C ILE A 115 3.63 10.83 -1.56
N LYS A 116 3.60 12.16 -1.48
CA LYS A 116 4.52 12.95 -2.28
C LYS A 116 5.99 12.65 -1.95
N THR A 117 6.32 12.65 -0.66
CA THR A 117 7.69 12.38 -0.26
C THR A 117 8.15 10.94 -0.50
N ASN A 118 7.42 9.97 0.04
CA ASN A 118 7.80 8.57 -0.10
C ASN A 118 7.62 7.92 -1.46
N ILE A 119 6.50 8.19 -2.14
CA ILE A 119 6.25 7.60 -3.44
C ILE A 119 6.86 8.42 -4.60
N MET A 120 6.46 9.68 -4.73
CA MET A 120 7.04 10.50 -5.81
C MET A 120 8.54 10.66 -5.56
N GLY A 121 8.92 10.69 -4.29
CA GLY A 121 10.33 10.82 -3.95
C GLY A 121 11.11 9.65 -4.51
N ALA A 122 10.54 8.45 -4.40
CA ALA A 122 11.20 7.25 -4.91
C ALA A 122 11.32 7.33 -6.43
N SER A 123 10.23 7.76 -7.08
CA SER A 123 10.24 7.89 -8.53
C SER A 123 11.28 8.90 -9.02
N ASN A 124 11.43 10.00 -8.30
CA ASN A 124 12.42 11.01 -8.71
C ASN A 124 13.85 10.52 -8.50
N VAL A 125 14.09 9.86 -7.36
CA VAL A 125 15.42 9.33 -7.08
C VAL A 125 15.81 8.34 -8.16
N ILE A 126 14.89 7.45 -8.50
CA ILE A 126 15.15 6.45 -9.54
C ILE A 126 15.51 7.12 -10.86
N ASN A 127 14.71 8.11 -11.25
CA ASN A 127 14.92 8.85 -12.48
C ASN A 127 16.28 9.54 -12.53
N ALA A 128 16.63 10.22 -11.44
CA ALA A 128 17.90 10.93 -11.37
C ALA A 128 19.09 9.96 -11.33
N CYS A 129 18.91 8.78 -10.75
CA CYS A 129 20.00 7.81 -10.67
C CYS A 129 20.29 7.21 -12.04
N LEU A 130 19.23 6.91 -12.78
CA LEU A 130 19.37 6.35 -14.12
C LEU A 130 20.02 7.38 -15.04
N LYS A 131 19.55 8.63 -14.96
CA LYS A 131 20.09 9.71 -15.77
C LYS A 131 21.58 9.95 -15.53
N ASN A 132 21.99 9.89 -14.27
CA ASN A 132 23.40 10.12 -13.93
C ASN A 132 24.22 8.84 -13.90
N ALA A 133 23.62 7.76 -14.39
CA ALA A 133 24.28 6.46 -14.47
C ALA A 133 24.89 5.95 -13.16
N ILE A 134 24.12 6.03 -12.08
CA ILE A 134 24.57 5.55 -10.77
C ILE A 134 24.78 4.04 -10.94
N SER A 135 25.70 3.45 -10.18
CA SER A 135 25.96 2.02 -10.24
C SER A 135 25.01 1.21 -9.35
N GLN A 136 24.89 1.63 -8.09
CA GLN A 136 24.03 0.94 -7.15
C GLN A 136 23.20 1.87 -6.29
N VAL A 137 21.97 1.45 -6.03
CA VAL A 137 21.05 2.21 -5.23
C VAL A 137 20.38 1.30 -4.23
N ILE A 138 20.33 1.72 -2.98
CA ILE A 138 19.64 0.95 -1.96
C ILE A 138 18.65 1.88 -1.27
N ALA A 139 17.38 1.48 -1.29
CA ALA A 139 16.33 2.26 -0.66
C ALA A 139 15.96 1.58 0.65
N LEU A 140 15.72 2.38 1.69
CA LEU A 140 15.35 1.81 2.97
C LEU A 140 13.84 1.61 3.04
N SER A 141 13.43 0.42 3.47
CA SER A 141 12.03 0.07 3.60
C SER A 141 11.72 -0.09 5.07
N THR A 142 10.62 -0.77 5.38
CA THR A 142 10.22 -0.99 6.75
C THR A 142 9.30 -2.20 6.79
N ASP A 143 9.20 -2.82 7.97
CA ASP A 143 8.35 -3.98 8.15
C ASP A 143 6.89 -3.53 8.06
N LYS A 144 6.66 -2.23 8.20
CA LYS A 144 5.31 -1.70 8.10
C LYS A 144 4.80 -1.73 6.65
N ALA A 145 5.71 -2.02 5.72
CA ALA A 145 5.39 -2.09 4.30
C ALA A 145 4.88 -3.50 3.89
N ALA A 146 4.99 -4.48 4.80
CA ALA A 146 4.51 -5.84 4.50
C ALA A 146 3.07 -5.97 5.00
N ASN A 147 2.16 -6.41 4.13
CA ASN A 147 0.75 -6.53 4.51
C ASN A 147 0.37 -5.29 5.32
N PRO A 148 0.69 -4.10 4.81
CA PRO A 148 0.40 -2.84 5.53
C PRO A 148 -1.05 -2.53 5.82
N ILE A 149 -1.27 -1.75 6.88
CA ILE A 149 -2.62 -1.33 7.21
C ILE A 149 -2.65 0.19 7.32
N ASN A 150 -1.49 0.80 7.54
CA ASN A 150 -1.46 2.25 7.64
C ASN A 150 -0.93 2.90 6.37
N LEU A 151 -1.23 4.18 6.19
CA LEU A 151 -0.79 4.90 4.99
C LEU A 151 0.72 4.89 4.80
N TYR A 152 1.46 5.19 5.86
CA TYR A 152 2.92 5.18 5.76
C TYR A 152 3.39 3.86 5.16
N GLY A 153 2.89 2.75 5.71
CA GLY A 153 3.30 1.45 5.23
C GLY A 153 2.97 1.21 3.78
N ALA A 154 1.82 1.73 3.34
CA ALA A 154 1.39 1.57 1.96
C ALA A 154 2.30 2.34 1.01
N THR A 155 2.73 3.53 1.39
CA THR A 155 3.61 4.31 0.52
C THR A 155 4.97 3.64 0.41
N LYS A 156 5.42 3.03 1.50
CA LYS A 156 6.71 2.35 1.47
C LYS A 156 6.67 1.11 0.58
N LEU A 157 5.52 0.44 0.55
CA LEU A 157 5.35 -0.74 -0.29
C LEU A 157 5.38 -0.28 -1.74
N CYS A 158 4.75 0.87 -2.02
CA CYS A 158 4.75 1.41 -3.37
C CYS A 158 6.19 1.78 -3.75
N SER A 159 6.91 2.37 -2.80
CA SER A 159 8.31 2.75 -3.04
C SER A 159 9.13 1.50 -3.35
N ASP A 160 8.95 0.45 -2.54
CA ASP A 160 9.69 -0.80 -2.75
C ASP A 160 9.47 -1.37 -4.14
N LYS A 161 8.22 -1.37 -4.58
CA LYS A 161 7.85 -1.89 -5.90
C LYS A 161 8.49 -1.08 -7.03
N LEU A 162 8.56 0.24 -6.87
CA LEU A 162 9.17 1.09 -7.88
C LEU A 162 10.66 0.77 -8.01
N PHE A 163 11.34 0.68 -6.87
CA PHE A 163 12.76 0.36 -6.88
C PHE A 163 13.03 -1.03 -7.44
N VAL A 164 12.21 -2.02 -7.09
CA VAL A 164 12.43 -3.37 -7.64
C VAL A 164 12.24 -3.35 -9.15
N SER A 165 11.16 -2.70 -9.59
CA SER A 165 10.82 -2.60 -11.02
C SER A 165 11.83 -1.79 -11.83
N ALA A 166 12.50 -0.85 -11.19
CA ALA A 166 13.48 -0.01 -11.88
C ALA A 166 14.62 -0.79 -12.51
N ASN A 167 14.80 -2.03 -12.07
CA ASN A 167 15.86 -2.87 -12.59
C ASN A 167 15.64 -3.31 -14.04
N ASN A 168 14.43 -3.11 -14.56
CA ASN A 168 14.12 -3.49 -15.94
C ASN A 168 14.81 -2.58 -16.96
N PHE A 169 15.17 -1.38 -16.54
CA PHE A 169 15.84 -0.43 -17.42
C PHE A 169 17.20 -1.01 -17.84
N LYS A 170 17.62 -0.72 -19.06
CA LYS A 170 18.91 -1.19 -19.56
C LYS A 170 19.56 -0.18 -20.49
N GLY A 171 19.62 1.06 -20.06
CA GLY A 171 20.21 2.11 -20.87
C GLY A 171 21.72 2.01 -21.04
N SER A 172 22.38 3.16 -21.06
CA SER A 172 23.83 3.23 -21.23
C SER A 172 24.51 2.45 -20.11
N SER A 173 24.66 3.09 -18.95
CA SER A 173 25.29 2.47 -17.80
C SER A 173 24.24 1.69 -17.01
N GLN A 174 24.61 0.48 -16.58
CA GLN A 174 23.70 -0.37 -15.80
C GLN A 174 23.54 0.16 -14.37
N THR A 175 22.29 0.27 -13.92
CA THR A 175 22.03 0.73 -12.56
C THR A 175 21.25 -0.34 -11.80
N GLN A 176 21.77 -0.74 -10.64
CA GLN A 176 21.11 -1.76 -9.82
C GLN A 176 20.37 -1.09 -8.66
N PHE A 177 19.16 -1.58 -8.39
CA PHE A 177 18.32 -1.04 -7.33
C PHE A 177 17.86 -2.14 -6.39
N SER A 178 18.16 -1.99 -5.11
CA SER A 178 17.73 -2.97 -4.13
C SER A 178 17.12 -2.29 -2.93
N VAL A 179 16.39 -3.06 -2.12
CA VAL A 179 15.73 -2.53 -0.95
C VAL A 179 16.20 -3.24 0.32
N VAL A 180 16.32 -2.49 1.41
CA VAL A 180 16.70 -3.07 2.69
C VAL A 180 15.53 -2.84 3.64
N ARG A 181 14.98 -3.93 4.16
CA ARG A 181 13.84 -3.86 5.05
C ARG A 181 14.07 -4.42 6.45
N TYR A 182 13.89 -3.58 7.47
CA TYR A 182 14.02 -4.02 8.85
C TYR A 182 13.04 -3.27 9.74
N GLY A 183 12.93 -3.69 11.00
CA GLY A 183 11.98 -3.07 11.91
C GLY A 183 12.38 -1.86 12.71
N ASN A 184 11.80 -1.74 13.90
CA ASN A 184 12.05 -0.63 14.80
C ASN A 184 13.52 -0.52 15.15
N VAL A 185 14.04 0.69 15.07
CA VAL A 185 15.44 0.94 15.39
C VAL A 185 15.54 1.31 16.87
N VAL A 186 16.22 0.48 17.64
CA VAL A 186 16.38 0.73 19.07
C VAL A 186 16.70 2.20 19.33
N GLY A 187 15.86 2.84 20.13
CA GLY A 187 16.07 4.25 20.44
C GLY A 187 16.33 5.12 19.23
N SER A 188 15.39 5.12 18.29
CA SER A 188 15.52 5.92 17.07
C SER A 188 15.03 7.35 17.33
N ARG A 189 15.23 8.22 16.35
CA ARG A 189 14.81 9.62 16.47
C ARG A 189 13.28 9.68 16.57
N GLY A 190 12.79 9.86 17.79
CA GLY A 190 11.35 9.93 18.01
C GLY A 190 10.81 8.61 18.54
N SER A 191 11.68 7.60 18.59
CA SER A 191 11.29 6.28 19.07
C SER A 191 10.73 6.32 20.49
N VAL A 192 10.44 5.15 21.03
CA VAL A 192 9.88 5.05 22.38
C VAL A 192 10.96 4.98 23.45
N VAL A 193 11.96 4.14 23.24
CA VAL A 193 13.05 4.01 24.20
C VAL A 193 13.52 5.39 24.63
N PRO A 194 13.82 6.27 23.66
CA PRO A 194 14.28 7.63 24.00
C PRO A 194 13.18 8.37 24.75
N PHE A 195 11.93 8.08 24.40
CA PHE A 195 10.78 8.71 25.03
C PHE A 195 10.71 8.29 26.49
N PHE A 196 11.09 7.05 26.77
CA PHE A 196 11.06 6.55 28.14
C PHE A 196 12.28 7.05 28.93
N LYS A 197 13.42 7.16 28.25
CA LYS A 197 14.63 7.66 28.89
C LYS A 197 14.43 9.12 29.25
N LYS A 198 13.43 9.73 28.61
CA LYS A 198 13.09 11.12 28.85
C LYS A 198 12.10 11.20 30.01
N LEU A 199 11.48 10.07 30.31
CA LEU A 199 10.50 9.99 31.40
C LEU A 199 11.17 9.49 32.67
N VAL A 200 12.11 8.55 32.51
CA VAL A 200 12.82 7.98 33.65
C VAL A 200 13.76 8.99 34.29
N GLN A 201 14.48 9.74 33.46
CA GLN A 201 15.42 10.75 33.95
C GLN A 201 14.71 11.98 34.50
N ASN A 202 13.39 12.02 34.35
CA ASN A 202 12.60 13.14 34.85
C ASN A 202 11.50 12.64 35.77
N LYS A 203 10.96 13.53 36.58
CA LYS A 203 9.91 13.19 37.54
C LYS A 203 8.71 12.56 36.83
N ALA A 204 8.73 11.25 36.68
CA ALA A 204 7.65 10.53 36.02
C ALA A 204 6.84 9.73 37.04
N SER A 205 5.83 9.01 36.54
CA SER A 205 4.97 8.20 37.40
C SER A 205 4.07 7.29 36.56
N GLU A 206 4.01 7.55 35.26
CA GLU A 206 3.19 6.75 34.36
C GLU A 206 3.93 6.39 33.07
N ILE A 207 3.86 5.12 32.69
CA ILE A 207 4.52 4.65 31.48
C ILE A 207 3.46 4.29 30.42
N PRO A 208 3.24 5.18 29.45
CA PRO A 208 2.25 4.96 28.40
C PRO A 208 2.44 3.61 27.70
N ILE A 209 1.36 2.84 27.62
CA ILE A 209 1.39 1.52 26.97
C ILE A 209 0.15 1.34 26.10
N THR A 210 0.30 0.59 25.02
CA THR A 210 -0.81 0.33 24.09
C THR A 210 -1.53 -0.98 24.41
N ASP A 211 -0.89 -2.10 24.08
CA ASP A 211 -1.48 -3.40 24.32
C ASP A 211 -0.65 -4.17 25.34
N ILE A 212 -0.73 -5.50 25.30
CA ILE A 212 0.02 -6.35 26.21
C ILE A 212 0.70 -7.45 25.43
N ARG A 213 0.04 -7.90 24.37
CA ARG A 213 0.57 -8.97 23.51
C ARG A 213 1.43 -8.33 22.43
N MET A 214 1.52 -7.01 22.46
CA MET A 214 2.31 -6.26 21.49
C MET A 214 3.76 -6.76 21.38
N THR A 215 4.24 -6.93 20.16
CA THR A 215 5.60 -7.38 19.90
C THR A 215 6.17 -6.61 18.72
N ARG A 216 7.50 -6.54 18.64
CA ARG A 216 8.17 -5.82 17.57
C ARG A 216 9.56 -6.37 17.33
N PHE A 217 10.07 -6.20 16.10
CA PHE A 217 11.42 -6.64 15.78
C PHE A 217 12.31 -5.51 16.28
N TRP A 218 13.54 -5.83 16.66
CA TRP A 218 14.44 -4.79 17.12
C TRP A 218 15.84 -4.95 16.54
N ILE A 219 16.33 -3.87 15.95
CA ILE A 219 17.64 -3.83 15.35
C ILE A 219 18.25 -2.52 15.78
N THR A 220 19.57 -2.49 15.94
CA THR A 220 20.22 -1.26 16.36
C THR A 220 20.58 -0.43 15.14
N LEU A 221 20.78 0.86 15.36
CA LEU A 221 21.14 1.78 14.30
C LEU A 221 22.42 1.28 13.62
N ASP A 222 23.39 0.85 14.42
CA ASP A 222 24.65 0.35 13.87
C ASP A 222 24.50 -0.93 13.09
N GLU A 223 23.59 -1.80 13.50
CA GLU A 223 23.35 -3.05 12.78
C GLU A 223 22.66 -2.72 11.46
N GLY A 224 21.80 -1.70 11.46
CA GLY A 224 21.12 -1.32 10.24
C GLY A 224 22.15 -0.84 9.23
N VAL A 225 23.02 0.06 9.67
CA VAL A 225 24.06 0.60 8.81
C VAL A 225 24.97 -0.51 8.28
N SER A 226 25.29 -1.47 9.13
CA SER A 226 26.14 -2.59 8.74
C SER A 226 25.47 -3.42 7.67
N PHE A 227 24.19 -3.70 7.87
CA PHE A 227 23.43 -4.50 6.92
C PHE A 227 23.33 -3.83 5.55
N VAL A 228 23.15 -2.51 5.52
CA VAL A 228 23.08 -1.81 4.24
C VAL A 228 24.41 -1.95 3.50
N LEU A 229 25.51 -1.76 4.22
CA LEU A 229 26.84 -1.87 3.64
C LEU A 229 27.05 -3.28 3.08
N LYS A 230 26.63 -4.30 3.82
CA LYS A 230 26.79 -5.68 3.38
C LYS A 230 25.89 -5.96 2.17
N SER A 231 24.70 -5.36 2.16
CA SER A 231 23.76 -5.53 1.06
C SER A 231 24.34 -5.01 -0.25
N LEU A 232 25.07 -3.90 -0.19
CA LEU A 232 25.69 -3.31 -1.37
C LEU A 232 26.69 -4.25 -2.03
N LYS A 233 27.46 -4.96 -1.20
CA LYS A 233 28.49 -5.87 -1.68
C LYS A 233 27.97 -7.13 -2.36
N ARG A 234 26.78 -7.59 -1.98
CA ARG A 234 26.26 -8.81 -2.58
C ARG A 234 25.02 -8.67 -3.46
N MET A 235 24.52 -7.46 -3.64
CA MET A 235 23.32 -7.23 -4.45
C MET A 235 23.55 -7.36 -5.95
N HIS A 236 22.54 -7.88 -6.64
CA HIS A 236 22.57 -8.02 -8.11
C HIS A 236 21.61 -6.95 -8.63
N GLY A 237 20.74 -6.49 -7.73
CA GLY A 237 19.74 -5.51 -8.09
C GLY A 237 18.40 -6.20 -8.16
N GLY A 238 17.41 -5.69 -7.42
CA GLY A 238 16.09 -6.29 -7.43
C GLY A 238 15.65 -6.94 -6.13
N GLU A 239 16.60 -7.19 -5.24
CA GLU A 239 16.28 -7.84 -3.97
C GLU A 239 15.72 -6.92 -2.90
N ILE A 240 14.99 -7.52 -1.99
CA ILE A 240 14.50 -6.82 -0.81
C ILE A 240 15.24 -7.63 0.25
N PHE A 241 16.28 -7.05 0.83
CA PHE A 241 17.07 -7.72 1.85
C PHE A 241 16.42 -7.58 3.21
N VAL A 242 16.32 -8.70 3.92
CA VAL A 242 15.72 -8.72 5.25
C VAL A 242 16.71 -9.38 6.21
N PRO A 243 17.13 -8.67 7.27
CA PRO A 243 18.07 -9.24 8.22
C PRO A 243 17.36 -10.05 9.29
N LYS A 244 18.00 -11.11 9.77
CA LYS A 244 17.40 -11.93 10.83
C LYS A 244 17.67 -11.19 12.13
N ILE A 245 16.62 -10.60 12.69
CA ILE A 245 16.74 -9.86 13.93
C ILE A 245 15.72 -10.36 14.94
N PRO A 246 16.03 -10.22 16.25
CA PRO A 246 15.20 -10.66 17.36
C PRO A 246 13.91 -9.86 17.56
N SER A 247 12.96 -10.47 18.27
CA SER A 247 11.68 -9.84 18.58
C SER A 247 11.66 -9.58 20.08
N MET A 248 10.83 -8.63 20.51
CA MET A 248 10.73 -8.32 21.92
C MET A 248 9.33 -7.84 22.29
N LYS A 249 8.73 -8.52 23.26
CA LYS A 249 7.40 -8.16 23.73
C LYS A 249 7.52 -6.85 24.50
N MET A 250 6.61 -5.92 24.24
CA MET A 250 6.64 -4.62 24.91
C MET A 250 6.45 -4.70 26.42
N THR A 251 6.12 -5.88 26.93
CA THR A 251 5.93 -6.06 28.37
C THR A 251 7.29 -6.33 29.02
N ASP A 252 8.35 -6.22 28.21
CA ASP A 252 9.70 -6.45 28.69
C ASP A 252 10.50 -5.16 28.55
N LEU A 253 10.22 -4.40 27.50
CA LEU A 253 10.89 -3.13 27.27
C LEU A 253 10.52 -2.16 28.40
N ALA A 254 9.49 -2.53 29.16
CA ALA A 254 9.01 -1.71 30.27
C ALA A 254 9.71 -2.17 31.54
N LYS A 255 9.85 -3.48 31.67
CA LYS A 255 10.51 -4.07 32.84
C LYS A 255 12.02 -4.02 32.62
N ALA A 256 12.45 -3.03 31.85
CA ALA A 256 13.87 -2.84 31.56
C ALA A 256 14.24 -1.37 31.59
N LEU A 257 13.52 -0.55 30.82
CA LEU A 257 13.81 0.88 30.78
C LEU A 257 13.32 1.60 32.03
N ALA A 258 12.49 0.94 32.82
CA ALA A 258 11.97 1.53 34.04
C ALA A 258 11.10 0.57 34.84
N PRO A 259 11.72 -0.42 35.51
CA PRO A 259 10.98 -1.40 36.31
C PRO A 259 10.49 -0.74 37.60
N ASN A 260 9.74 -1.49 38.41
CA ASN A 260 9.21 -0.95 39.66
C ASN A 260 8.44 0.34 39.42
N THR A 261 7.83 0.45 38.24
CA THR A 261 7.07 1.65 37.88
C THR A 261 5.75 1.26 37.20
N PRO A 262 4.68 2.00 37.50
CA PRO A 262 3.35 1.75 36.91
C PRO A 262 3.23 2.10 35.44
N THR A 263 2.55 1.24 34.68
CA THR A 263 2.33 1.43 33.26
C THR A 263 0.84 1.36 32.96
N LYS A 264 0.27 2.48 32.52
CA LYS A 264 -1.15 2.51 32.20
C LYS A 264 -1.41 2.03 30.77
N ILE A 265 -2.41 1.17 30.62
CA ILE A 265 -2.76 0.62 29.32
C ILE A 265 -3.62 1.60 28.52
N ILE A 266 -2.96 2.48 27.77
CA ILE A 266 -3.66 3.46 26.95
C ILE A 266 -4.46 2.76 25.86
N GLY A 267 -3.80 1.87 25.12
CA GLY A 267 -4.47 1.15 24.06
C GLY A 267 -3.82 1.31 22.69
N ILE A 268 -4.39 0.62 21.71
CA ILE A 268 -3.89 0.65 20.33
C ILE A 268 -3.91 2.06 19.74
N ARG A 269 -2.88 2.38 18.96
CA ARG A 269 -2.77 3.69 18.32
C ARG A 269 -3.24 3.65 16.86
N PRO A 270 -3.45 4.83 16.25
CA PRO A 270 -3.91 4.94 14.86
C PRO A 270 -3.02 4.21 13.84
N GLY A 271 -3.64 3.35 13.04
CA GLY A 271 -2.92 2.62 12.02
C GLY A 271 -1.84 1.69 12.53
N GLU A 272 -1.93 1.30 13.80
CA GLU A 272 -0.94 0.43 14.41
C GLU A 272 -1.37 -1.04 14.48
N LYS A 273 -0.40 -1.93 14.29
CA LYS A 273 -0.68 -3.37 14.34
C LYS A 273 -0.25 -3.88 15.71
N LEU A 274 -0.50 -5.16 15.98
CA LEU A 274 -0.12 -5.77 17.24
C LEU A 274 1.24 -6.41 17.03
N HIS A 275 1.41 -7.01 15.86
CA HIS A 275 2.66 -7.66 15.49
C HIS A 275 3.02 -7.19 14.08
N GLU A 276 4.31 -6.95 13.85
CA GLU A 276 4.76 -6.50 12.55
C GLU A 276 5.28 -7.70 11.76
N VAL A 277 5.07 -7.67 10.45
CA VAL A 277 5.51 -8.74 9.58
C VAL A 277 6.71 -8.29 8.77
N MET A 278 7.64 -9.20 8.53
CA MET A 278 8.85 -8.87 7.77
C MET A 278 8.78 -9.55 6.41
N ILE A 279 8.34 -10.81 6.41
CA ILE A 279 8.18 -11.58 5.18
C ILE A 279 6.80 -12.22 5.21
N PRO A 280 5.88 -11.73 4.37
CA PRO A 280 4.50 -12.25 4.27
C PRO A 280 4.40 -13.70 3.83
N LYS A 281 3.44 -14.41 4.41
CA LYS A 281 3.22 -15.82 4.08
C LYS A 281 2.90 -15.95 2.59
N ASP A 282 2.22 -14.94 2.05
CA ASP A 282 1.85 -14.95 0.63
C ASP A 282 3.03 -14.74 -0.30
N GLU A 283 4.21 -14.44 0.25
CA GLU A 283 5.39 -14.24 -0.56
C GLU A 283 6.52 -15.21 -0.24
N SER A 284 6.27 -16.12 0.70
CA SER A 284 7.28 -17.10 1.11
C SER A 284 7.95 -17.73 -0.11
N HIS A 285 7.14 -18.15 -1.06
CA HIS A 285 7.63 -18.80 -2.27
C HIS A 285 8.66 -17.96 -3.02
N LEU A 286 8.76 -16.68 -2.66
CA LEU A 286 9.71 -15.76 -3.30
C LEU A 286 10.94 -15.60 -2.42
N ALA A 287 10.82 -16.02 -1.17
CA ALA A 287 11.90 -15.90 -0.21
C ALA A 287 13.01 -16.95 -0.31
N LEU A 288 14.23 -16.50 -0.06
CA LEU A 288 15.41 -17.35 -0.08
C LEU A 288 16.10 -17.09 1.25
N GLU A 289 16.40 -18.16 1.99
CA GLU A 289 17.04 -18.01 3.27
C GLU A 289 18.56 -18.15 3.22
N PHE A 290 19.22 -17.38 4.07
CA PHE A 290 20.67 -17.39 4.17
C PHE A 290 21.00 -17.53 5.65
N GLU A 291 22.27 -17.66 5.96
CA GLU A 291 22.68 -17.82 7.35
C GLU A 291 22.12 -16.75 8.29
N ASP A 292 22.27 -15.48 7.93
CA ASP A 292 21.77 -14.41 8.80
C ASP A 292 20.81 -13.41 8.15
N PHE A 293 20.26 -13.75 7.00
CA PHE A 293 19.33 -12.85 6.32
C PHE A 293 18.50 -13.56 5.26
N PHE A 294 17.49 -12.85 4.75
CA PHE A 294 16.60 -13.38 3.73
C PHE A 294 16.60 -12.46 2.52
N ILE A 295 16.21 -13.02 1.38
CA ILE A 295 16.10 -12.24 0.15
C ILE A 295 14.72 -12.52 -0.41
N ILE A 296 13.91 -11.48 -0.59
CA ILE A 296 12.61 -11.67 -1.18
C ILE A 296 12.85 -11.33 -2.65
N GLN A 297 12.68 -12.31 -3.52
CA GLN A 297 12.89 -12.13 -4.94
C GLN A 297 11.79 -11.30 -5.58
N PRO A 298 12.11 -10.64 -6.72
CA PRO A 298 11.14 -9.81 -7.44
C PRO A 298 9.96 -10.66 -7.92
N THR A 299 8.79 -10.04 -8.00
CA THR A 299 7.59 -10.73 -8.46
C THR A 299 7.57 -10.76 -9.99
N ILE A 300 8.36 -9.88 -10.60
CA ILE A 300 8.41 -9.78 -12.06
C ILE A 300 9.66 -10.39 -12.68
N SER A 301 9.60 -10.61 -13.98
CA SER A 301 10.72 -11.20 -14.72
C SER A 301 11.43 -10.13 -15.54
N PHE A 302 12.69 -9.87 -15.22
CA PHE A 302 13.46 -8.88 -15.95
C PHE A 302 13.92 -9.46 -17.28
N GLN A 303 13.97 -8.62 -18.31
CA GLN A 303 14.42 -9.08 -19.62
C GLN A 303 15.75 -9.79 -19.43
N THR A 304 16.57 -9.25 -18.53
CA THR A 304 17.87 -9.84 -18.20
C THR A 304 17.72 -10.49 -16.82
N PRO A 305 17.38 -11.79 -16.80
CA PRO A 305 17.19 -12.56 -15.57
C PRO A 305 18.36 -12.53 -14.58
N LYS A 306 18.15 -13.05 -13.38
CA LYS A 306 19.17 -13.07 -12.35
C LYS A 306 18.96 -14.25 -11.40
N ASP A 307 20.06 -14.77 -10.84
CA ASP A 307 19.97 -15.88 -9.90
C ASP A 307 20.26 -15.39 -8.49
N TYR A 308 19.21 -15.18 -7.71
CA TYR A 308 19.36 -14.69 -6.35
C TYR A 308 19.77 -15.76 -5.35
N THR A 309 19.93 -16.99 -5.82
CA THR A 309 20.33 -18.09 -4.94
C THR A 309 21.81 -17.96 -4.56
N LEU A 310 22.54 -17.18 -5.36
CA LEU A 310 23.96 -16.95 -5.15
C LEU A 310 24.28 -15.45 -5.19
N THR A 311 24.60 -14.87 -4.04
CA THR A 311 24.93 -13.45 -3.94
C THR A 311 26.25 -13.17 -4.63
N LYS A 312 26.63 -11.89 -4.66
CA LYS A 312 27.91 -11.48 -5.27
C LYS A 312 29.04 -12.03 -4.41
N LEU A 313 28.71 -12.34 -3.16
CA LEU A 313 29.68 -12.87 -2.20
C LEU A 313 29.65 -14.41 -2.18
N HIS A 314 29.15 -14.98 -3.27
CA HIS A 314 29.06 -16.42 -3.45
C HIS A 314 28.39 -17.14 -2.27
N GLU A 315 27.48 -16.44 -1.60
CA GLU A 315 26.75 -17.02 -0.49
C GLU A 315 25.55 -17.76 -1.07
N LYS A 316 25.28 -18.96 -0.55
CA LYS A 316 24.17 -19.76 -1.05
C LYS A 316 22.91 -19.62 -0.20
N GLY A 317 21.78 -19.51 -0.87
CA GLY A 317 20.51 -19.38 -0.18
C GLY A 317 19.58 -20.51 -0.56
N GLN A 318 18.74 -20.94 0.39
CA GLN A 318 17.81 -22.03 0.14
C GLN A 318 16.38 -21.51 0.20
N LYS A 319 15.49 -22.12 -0.58
CA LYS A 319 14.09 -21.71 -0.57
C LYS A 319 13.57 -21.98 0.82
N VAL A 320 12.43 -21.40 1.16
CA VAL A 320 11.86 -21.58 2.49
C VAL A 320 10.59 -22.43 2.46
N ALA A 321 10.17 -22.89 3.63
CA ALA A 321 8.98 -23.71 3.78
C ALA A 321 7.74 -23.08 3.14
N PRO A 322 6.90 -23.91 2.50
CA PRO A 322 5.66 -23.54 1.81
C PRO A 322 4.75 -22.54 2.54
N ASP A 323 4.80 -22.54 3.87
CA ASP A 323 3.96 -21.64 4.64
C ASP A 323 4.75 -20.79 5.63
N PHE A 324 5.99 -20.47 5.27
CA PHE A 324 6.84 -19.66 6.14
C PHE A 324 6.23 -18.29 6.42
N GLU A 325 6.40 -17.83 7.65
CA GLU A 325 5.86 -16.55 8.08
C GLU A 325 6.83 -15.90 9.08
N TYR A 326 7.57 -14.91 8.62
CA TYR A 326 8.52 -14.23 9.50
C TYR A 326 7.83 -13.05 10.18
N SER A 327 7.25 -13.34 11.34
CA SER A 327 6.53 -12.32 12.11
C SER A 327 7.19 -12.07 13.46
N SER A 328 6.86 -10.93 14.07
CA SER A 328 7.43 -10.57 15.35
C SER A 328 6.74 -11.28 16.52
N HIS A 329 5.85 -12.22 16.21
CA HIS A 329 5.15 -12.96 17.25
C HIS A 329 5.66 -14.39 17.33
N ASN A 330 6.03 -14.96 16.19
CA ASN A 330 6.52 -16.33 16.15
C ASN A 330 8.00 -16.36 15.75
N ASN A 331 8.77 -15.44 16.30
CA ASN A 331 10.20 -15.36 16.01
C ASN A 331 10.95 -16.35 16.90
N ASN A 332 11.90 -17.07 16.31
CA ASN A 332 12.67 -18.06 17.05
C ASN A 332 13.87 -17.44 17.79
N GLN A 333 13.69 -16.23 18.30
CA GLN A 333 14.73 -15.53 19.04
C GLN A 333 14.22 -14.21 19.59
N TRP A 334 14.55 -13.93 20.84
CA TRP A 334 14.10 -12.69 21.48
C TRP A 334 15.23 -12.00 22.25
N LEU A 335 15.02 -10.73 22.57
CA LEU A 335 16.01 -9.95 23.32
C LEU A 335 15.79 -10.07 24.82
N GLU A 336 16.89 -10.07 25.57
CA GLU A 336 16.82 -10.18 27.02
C GLU A 336 16.63 -8.80 27.63
N PRO A 337 15.75 -8.69 28.65
CA PRO A 337 15.49 -7.42 29.33
C PRO A 337 16.76 -6.73 29.82
N ASP A 338 17.85 -7.49 29.89
CA ASP A 338 19.13 -6.95 30.34
C ASP A 338 20.02 -6.59 29.16
N ASP A 339 20.03 -7.43 28.13
CA ASP A 339 20.82 -7.16 26.94
C ASP A 339 20.19 -5.98 26.21
N LEU A 340 18.93 -5.72 26.58
CA LEU A 340 18.17 -4.62 26.00
C LEU A 340 18.75 -3.29 26.45
N LEU A 341 19.19 -3.26 27.72
CA LEU A 341 19.77 -2.05 28.29
C LEU A 341 21.21 -1.87 27.82
N LYS A 342 21.80 -2.95 27.33
CA LYS A 342 23.18 -2.91 26.85
C LYS A 342 23.28 -2.22 25.49
N LEU A 343 22.24 -1.44 25.17
CA LEU A 343 22.18 -0.70 23.91
C LEU A 343 21.86 0.76 24.23
N LEU A 344 20.68 0.97 24.82
CA LEU A 344 20.21 2.30 25.19
C LEU A 344 20.61 3.37 24.19
N GLN B 16 -38.12 9.03 -6.38
CA GLN B 16 -38.17 8.00 -5.31
C GLN B 16 -37.28 8.34 -4.12
N ASN B 17 -36.06 8.79 -4.40
CA ASN B 17 -35.14 9.12 -3.31
C ASN B 17 -34.10 10.19 -3.62
N MET B 18 -33.02 10.14 -2.85
CA MET B 18 -31.88 11.06 -2.91
C MET B 18 -31.24 11.35 -4.27
N LEU B 19 -31.43 10.47 -5.25
CA LEU B 19 -30.81 10.68 -6.56
C LEU B 19 -31.64 11.52 -7.54
N ASP B 20 -32.89 11.80 -7.21
CA ASP B 20 -33.74 12.57 -8.11
C ASP B 20 -33.29 14.00 -8.32
N ASN B 21 -33.29 14.43 -9.57
CA ASN B 21 -32.90 15.78 -9.96
C ASN B 21 -31.43 16.09 -9.71
N GLN B 22 -30.66 15.07 -9.37
CA GLN B 22 -29.22 15.24 -9.10
C GLN B 22 -28.37 14.99 -10.34
N THR B 23 -27.20 15.64 -10.41
CA THR B 23 -26.28 15.44 -11.52
C THR B 23 -25.18 14.52 -11.00
N ILE B 24 -24.96 13.40 -11.68
CA ILE B 24 -23.95 12.43 -11.25
C ILE B 24 -22.83 12.25 -12.28
N LEU B 25 -21.59 12.17 -11.81
CA LEU B 25 -20.45 11.95 -12.69
C LEU B 25 -19.70 10.72 -12.22
N ILE B 26 -19.41 9.82 -13.14
CA ILE B 26 -18.68 8.62 -12.79
C ILE B 26 -17.40 8.51 -13.58
N THR B 27 -16.27 8.48 -12.90
CA THR B 27 -14.99 8.34 -13.59
C THR B 27 -14.89 6.87 -13.94
N GLY B 28 -14.28 6.56 -15.09
CA GLY B 28 -14.18 5.18 -15.51
C GLY B 28 -15.55 4.63 -15.84
N GLY B 29 -16.45 5.51 -16.26
CA GLY B 29 -17.82 5.11 -16.59
C GLY B 29 -18.04 4.14 -17.73
N THR B 30 -17.02 3.96 -18.58
CA THR B 30 -17.12 3.05 -19.72
C THR B 30 -16.73 1.63 -19.34
N GLY B 31 -16.27 1.46 -18.10
CA GLY B 31 -15.85 0.15 -17.63
C GLY B 31 -17.00 -0.79 -17.31
N SER B 32 -16.69 -1.97 -16.77
CA SER B 32 -17.72 -2.95 -16.46
C SER B 32 -18.67 -2.43 -15.39
N PHE B 33 -18.11 -1.93 -14.30
CA PHE B 33 -18.94 -1.39 -13.23
C PHE B 33 -19.67 -0.16 -13.76
N GLY B 34 -18.94 0.67 -14.48
CA GLY B 34 -19.50 1.90 -15.02
C GLY B 34 -20.77 1.79 -15.84
N LYS B 35 -20.78 0.88 -16.82
CA LYS B 35 -21.95 0.70 -17.67
C LYS B 35 -23.15 0.18 -16.88
N CYS B 36 -22.89 -0.75 -15.96
CA CYS B 36 -23.96 -1.33 -15.15
C CYS B 36 -24.51 -0.26 -14.21
N PHE B 37 -23.63 0.53 -13.63
CA PHE B 37 -24.05 1.59 -12.72
C PHE B 37 -24.89 2.63 -13.45
N VAL B 38 -24.41 3.05 -14.61
CA VAL B 38 -25.12 4.06 -15.41
C VAL B 38 -26.52 3.54 -15.79
N ARG B 39 -26.56 2.30 -16.23
CA ARG B 39 -27.81 1.67 -16.64
C ARG B 39 -28.80 1.65 -15.48
N LYS B 40 -28.33 1.27 -14.30
CA LYS B 40 -29.16 1.21 -13.12
C LYS B 40 -29.69 2.58 -12.71
N VAL B 41 -28.83 3.60 -12.75
CA VAL B 41 -29.24 4.94 -12.38
C VAL B 41 -30.29 5.51 -13.33
N LEU B 42 -30.13 5.23 -14.63
CA LEU B 42 -31.06 5.71 -15.62
C LEU B 42 -32.42 5.01 -15.50
N ASP B 43 -32.38 3.70 -15.25
CA ASP B 43 -33.58 2.88 -15.12
C ASP B 43 -34.37 3.06 -13.84
N THR B 44 -33.67 3.18 -12.71
CA THR B 44 -34.31 3.29 -11.42
C THR B 44 -34.33 4.63 -10.70
N THR B 45 -33.85 5.69 -11.34
CA THR B 45 -33.87 6.99 -10.67
C THR B 45 -34.27 8.11 -11.60
N ASN B 46 -34.58 9.27 -11.02
CA ASN B 46 -34.96 10.42 -11.79
C ASN B 46 -33.79 11.40 -11.78
N ALA B 47 -32.58 10.85 -11.89
CA ALA B 47 -31.38 11.66 -11.91
C ALA B 47 -31.51 12.62 -13.08
N LYS B 48 -31.06 13.84 -12.89
CA LYS B 48 -31.17 14.83 -13.97
C LYS B 48 -30.14 14.62 -15.07
N LYS B 49 -28.93 14.22 -14.68
CA LYS B 49 -27.86 14.06 -15.66
C LYS B 49 -26.78 13.08 -15.17
N ILE B 50 -26.26 12.29 -16.09
CA ILE B 50 -25.21 11.33 -15.76
C ILE B 50 -24.02 11.59 -16.67
N ILE B 51 -22.89 11.91 -16.07
CA ILE B 51 -21.67 12.22 -16.83
C ILE B 51 -20.65 11.08 -16.77
N VAL B 52 -20.24 10.59 -17.94
CA VAL B 52 -19.24 9.54 -18.02
C VAL B 52 -17.92 10.25 -18.28
N TYR B 53 -16.93 9.99 -17.43
CA TYR B 53 -15.60 10.61 -17.54
C TYR B 53 -14.55 9.51 -17.69
N SER B 54 -13.95 9.42 -18.87
CA SER B 54 -12.91 8.42 -19.15
C SER B 54 -12.10 8.85 -20.37
N ARG B 55 -11.03 8.12 -20.65
CA ARG B 55 -10.12 8.48 -21.74
C ARG B 55 -10.41 8.04 -23.17
N ASP B 56 -10.86 6.80 -23.33
CA ASP B 56 -11.07 6.21 -24.65
C ASP B 56 -12.25 6.66 -25.47
N GLU B 57 -11.98 7.26 -26.63
CA GLU B 57 -13.02 7.72 -27.54
C GLU B 57 -13.78 6.51 -28.14
N LEU B 58 -13.11 5.37 -28.28
CA LEU B 58 -13.78 4.20 -28.85
C LEU B 58 -14.90 3.74 -27.92
N LYS B 59 -14.54 3.40 -26.68
CA LYS B 59 -15.56 2.95 -25.73
C LYS B 59 -16.64 4.00 -25.48
N GLN B 60 -16.28 5.28 -25.51
CA GLN B 60 -17.30 6.29 -25.29
C GLN B 60 -18.26 6.40 -26.47
N SER B 61 -17.74 6.33 -27.69
CA SER B 61 -18.60 6.44 -28.88
C SER B 61 -19.60 5.28 -28.93
N GLU B 62 -19.11 4.09 -28.60
CA GLU B 62 -19.96 2.89 -28.61
C GLU B 62 -20.92 2.90 -27.43
N MET B 63 -20.48 3.40 -26.28
CA MET B 63 -21.38 3.44 -25.13
C MET B 63 -22.50 4.45 -25.41
N ALA B 64 -22.16 5.53 -26.11
CA ALA B 64 -23.15 6.56 -26.43
C ALA B 64 -24.22 5.99 -27.35
N MET B 65 -23.82 5.08 -28.24
CA MET B 65 -24.76 4.45 -29.17
C MET B 65 -25.60 3.41 -28.44
N GLU B 66 -24.97 2.72 -27.49
CA GLU B 66 -25.63 1.68 -26.71
C GLU B 66 -26.73 2.25 -25.81
N PHE B 67 -26.44 3.36 -25.15
CA PHE B 67 -27.43 3.97 -24.26
C PHE B 67 -28.29 5.01 -24.96
N ASN B 68 -27.68 5.79 -25.83
CA ASN B 68 -28.38 6.81 -26.59
C ASN B 68 -29.49 7.49 -25.76
N ASP B 69 -29.15 7.85 -24.54
CA ASP B 69 -30.11 8.50 -23.64
C ASP B 69 -29.72 9.96 -23.47
N PRO B 70 -30.66 10.88 -23.77
CA PRO B 70 -30.40 12.32 -23.67
C PRO B 70 -29.96 12.80 -22.28
N ARG B 71 -30.10 11.96 -21.27
CA ARG B 71 -29.67 12.35 -19.94
C ARG B 71 -28.17 12.10 -19.79
N MET B 72 -27.58 11.46 -20.80
CA MET B 72 -26.16 11.15 -20.77
C MET B 72 -25.27 12.27 -21.29
N ARG B 73 -24.07 12.34 -20.74
CA ARG B 73 -23.06 13.31 -21.17
C ARG B 73 -21.75 12.55 -21.11
N PHE B 74 -20.94 12.71 -22.15
CA PHE B 74 -19.65 12.03 -22.23
C PHE B 74 -18.51 13.04 -22.32
N PHE B 75 -17.62 12.97 -21.34
CA PHE B 75 -16.45 13.83 -21.25
C PHE B 75 -15.19 12.98 -21.44
N ILE B 76 -14.39 13.30 -22.45
CA ILE B 76 -13.13 12.59 -22.66
C ILE B 76 -12.21 13.26 -21.63
N GLY B 77 -11.47 12.46 -20.85
CA GLY B 77 -10.60 13.03 -19.84
C GLY B 77 -9.90 11.98 -19.00
N ASP B 78 -8.79 12.38 -18.38
CA ASP B 78 -7.96 11.49 -17.56
C ASP B 78 -8.04 11.93 -16.10
N VAL B 79 -8.09 10.97 -15.16
CA VAL B 79 -8.14 11.36 -13.77
C VAL B 79 -6.78 11.89 -13.30
N ARG B 80 -5.77 11.80 -14.17
CA ARG B 80 -4.42 12.31 -13.83
C ARG B 80 -4.35 13.82 -14.12
N ASP B 81 -5.37 14.31 -14.83
CA ASP B 81 -5.47 15.69 -15.28
C ASP B 81 -6.41 16.51 -14.40
N LEU B 82 -5.85 17.17 -13.39
CA LEU B 82 -6.62 17.96 -12.44
C LEU B 82 -7.48 19.06 -13.06
N GLU B 83 -6.92 19.80 -14.02
CA GLU B 83 -7.66 20.87 -14.65
C GLU B 83 -8.86 20.35 -15.42
N ARG B 84 -8.72 19.19 -16.04
CA ARG B 84 -9.82 18.60 -16.80
C ARG B 84 -10.92 18.21 -15.81
N LEU B 85 -10.52 17.61 -14.68
CA LEU B 85 -11.47 17.20 -13.65
C LEU B 85 -12.24 18.37 -13.05
N ASN B 86 -11.53 19.48 -12.83
CA ASN B 86 -12.13 20.70 -12.27
C ASN B 86 -13.28 21.18 -13.15
N TYR B 87 -13.07 21.13 -14.45
CA TYR B 87 -14.05 21.56 -15.44
C TYR B 87 -15.21 20.57 -15.55
N ALA B 88 -14.89 19.29 -15.52
CA ALA B 88 -15.91 18.25 -15.65
C ALA B 88 -16.85 18.12 -14.47
N LEU B 89 -16.33 18.34 -13.27
CA LEU B 89 -17.14 18.22 -12.06
C LEU B 89 -17.97 19.47 -11.75
N GLU B 90 -17.93 20.45 -12.64
CA GLU B 90 -18.71 21.65 -12.42
C GLU B 90 -20.20 21.34 -12.48
N GLY B 91 -20.93 21.68 -11.42
CA GLY B 91 -22.36 21.44 -11.38
C GLY B 91 -22.75 20.03 -10.98
N VAL B 92 -21.79 19.22 -10.56
CA VAL B 92 -22.06 17.85 -10.16
C VAL B 92 -22.41 17.75 -8.67
N ASP B 93 -23.39 16.89 -8.36
CA ASP B 93 -23.83 16.71 -6.98
C ASP B 93 -23.23 15.45 -6.37
N ILE B 94 -23.13 14.40 -7.18
CA ILE B 94 -22.58 13.13 -6.72
C ILE B 94 -21.50 12.60 -7.67
N CYS B 95 -20.38 12.16 -7.11
CA CYS B 95 -19.29 11.63 -7.91
C CYS B 95 -18.95 10.21 -7.48
N ILE B 96 -18.99 9.29 -8.43
CA ILE B 96 -18.62 7.90 -8.17
C ILE B 96 -17.28 7.70 -8.86
N HIS B 97 -16.26 7.35 -8.08
CA HIS B 97 -14.92 7.14 -8.62
C HIS B 97 -14.58 5.67 -8.87
N ALA B 98 -14.69 5.26 -10.13
CA ALA B 98 -14.41 3.89 -10.54
C ALA B 98 -13.23 3.77 -11.52
N ALA B 99 -12.63 4.89 -11.89
CA ALA B 99 -11.50 4.83 -12.82
C ALA B 99 -10.31 4.19 -12.11
N ALA B 100 -9.60 3.31 -12.81
CA ALA B 100 -8.43 2.65 -12.22
C ALA B 100 -7.73 1.71 -13.18
N LEU B 101 -6.49 1.36 -12.81
CA LEU B 101 -5.70 0.39 -13.53
C LEU B 101 -5.80 -0.73 -12.49
N LYS B 102 -6.37 -1.88 -12.87
CA LYS B 102 -6.57 -2.96 -11.89
C LYS B 102 -5.89 -4.29 -12.17
N HIS B 103 -5.29 -4.44 -13.36
CA HIS B 103 -4.62 -5.68 -13.73
C HIS B 103 -3.37 -5.83 -12.84
N VAL B 104 -3.43 -6.76 -11.89
CA VAL B 104 -2.30 -6.96 -10.97
C VAL B 104 -0.95 -7.17 -11.63
N PRO B 105 -0.82 -8.17 -12.52
CA PRO B 105 0.52 -8.30 -13.11
C PRO B 105 0.99 -7.11 -13.94
N ILE B 106 0.09 -6.47 -14.68
CA ILE B 106 0.51 -5.31 -15.47
C ILE B 106 0.92 -4.18 -14.54
N ALA B 107 0.29 -4.12 -13.38
CA ALA B 107 0.61 -3.10 -12.38
C ALA B 107 1.98 -3.36 -11.74
N GLU B 108 2.40 -4.63 -11.72
CA GLU B 108 3.71 -4.97 -11.15
C GLU B 108 4.83 -4.56 -12.11
N TYR B 109 4.54 -4.65 -13.41
CA TYR B 109 5.50 -4.28 -14.45
C TYR B 109 5.48 -2.81 -14.81
N ASN B 110 4.38 -2.12 -14.48
CA ASN B 110 4.23 -0.69 -14.76
C ASN B 110 3.76 -0.01 -13.48
N PRO B 111 4.53 -0.16 -12.39
CA PRO B 111 4.15 0.45 -11.10
C PRO B 111 3.81 1.95 -11.09
N LEU B 112 4.62 2.77 -11.75
CA LEU B 112 4.35 4.21 -11.73
C LEU B 112 3.05 4.56 -12.44
N GLU B 113 2.70 3.84 -13.50
CA GLU B 113 1.45 4.12 -14.19
C GLU B 113 0.26 3.86 -13.26
N CYS B 114 0.32 2.72 -12.56
CA CYS B 114 -0.76 2.36 -11.62
C CYS B 114 -0.85 3.43 -10.53
N ILE B 115 0.30 3.91 -10.07
CA ILE B 115 0.35 4.94 -9.04
C ILE B 115 -0.24 6.27 -9.52
N LYS B 116 0.14 6.68 -10.72
CA LYS B 116 -0.41 7.93 -11.25
C LYS B 116 -1.93 7.86 -11.37
N THR B 117 -2.44 6.79 -11.95
CA THR B 117 -3.89 6.68 -12.11
C THR B 117 -4.65 6.47 -10.80
N ASN B 118 -4.26 5.46 -10.04
CA ASN B 118 -4.95 5.14 -8.80
C ASN B 118 -4.74 6.10 -7.63
N ILE B 119 -3.51 6.51 -7.38
CA ILE B 119 -3.25 7.40 -6.26
C ILE B 119 -3.42 8.88 -6.61
N MET B 120 -2.68 9.34 -7.60
CA MET B 120 -2.79 10.74 -8.00
C MET B 120 -4.18 11.01 -8.55
N GLY B 121 -4.78 9.99 -9.15
CA GLY B 121 -6.12 10.13 -9.68
C GLY B 121 -7.08 10.39 -8.54
N ALA B 122 -6.90 9.67 -7.43
CA ALA B 122 -7.76 9.85 -6.26
C ALA B 122 -7.61 11.27 -5.73
N SER B 123 -6.36 11.70 -5.58
CA SER B 123 -6.09 13.05 -5.08
C SER B 123 -6.72 14.13 -5.95
N ASN B 124 -6.65 13.95 -7.27
CA ASN B 124 -7.23 14.94 -8.19
C ASN B 124 -8.76 14.99 -8.11
N VAL B 125 -9.40 13.83 -8.05
CA VAL B 125 -10.85 13.79 -7.96
C VAL B 125 -11.30 14.49 -6.68
N ILE B 126 -10.61 14.21 -5.58
CA ILE B 126 -10.94 14.83 -4.30
C ILE B 126 -10.83 16.35 -4.41
N ASN B 127 -9.73 16.82 -4.99
CA ASN B 127 -9.50 18.24 -5.16
C ASN B 127 -10.62 18.89 -5.98
N ALA B 128 -10.95 18.28 -7.11
CA ALA B 128 -12.00 18.82 -7.97
C ALA B 128 -13.39 18.74 -7.34
N CYS B 129 -13.65 17.70 -6.55
CA CYS B 129 -14.96 17.57 -5.92
C CYS B 129 -15.14 18.66 -4.88
N LEU B 130 -14.07 18.97 -4.15
CA LEU B 130 -14.12 20.03 -3.14
C LEU B 130 -14.30 21.39 -3.80
N LYS B 131 -13.56 21.63 -4.86
CA LYS B 131 -13.62 22.90 -5.58
C LYS B 131 -15.02 23.19 -6.13
N ASN B 132 -15.71 22.14 -6.56
CA ASN B 132 -17.04 22.30 -7.13
C ASN B 132 -18.16 22.03 -6.14
N ALA B 133 -17.80 21.86 -4.87
CA ALA B 133 -18.77 21.62 -3.82
C ALA B 133 -19.71 20.45 -4.08
N ILE B 134 -19.15 19.32 -4.47
CA ILE B 134 -19.94 18.12 -4.70
C ILE B 134 -20.52 17.73 -3.33
N SER B 135 -21.67 17.07 -3.31
CA SER B 135 -22.28 16.68 -2.03
C SER B 135 -21.79 15.34 -1.51
N GLN B 136 -21.82 14.33 -2.36
CA GLN B 136 -21.38 13.00 -1.94
C GLN B 136 -20.43 12.37 -2.94
N VAL B 137 -19.48 11.61 -2.41
CA VAL B 137 -18.49 10.96 -3.25
C VAL B 137 -18.21 9.55 -2.73
N ILE B 138 -18.23 8.59 -3.64
CA ILE B 138 -17.91 7.23 -3.28
C ILE B 138 -16.84 6.71 -4.23
N ALA B 139 -15.75 6.21 -3.66
CA ALA B 139 -14.65 5.66 -4.44
C ALA B 139 -14.72 4.15 -4.31
N LEU B 140 -14.45 3.45 -5.39
CA LEU B 140 -14.48 1.99 -5.35
C LEU B 140 -13.13 1.47 -4.89
N SER B 141 -13.15 0.51 -3.98
CA SER B 141 -11.94 -0.08 -3.45
C SER B 141 -11.95 -1.55 -3.81
N THR B 142 -11.06 -2.33 -3.21
CA THR B 142 -10.95 -3.75 -3.48
C THR B 142 -10.40 -4.46 -2.26
N ASP B 143 -10.74 -5.74 -2.11
CA ASP B 143 -10.25 -6.50 -0.97
C ASP B 143 -8.73 -6.64 -1.08
N LYS B 144 -8.22 -6.46 -2.29
CA LYS B 144 -6.78 -6.54 -2.50
C LYS B 144 -6.06 -5.38 -1.80
N ALA B 145 -6.83 -4.43 -1.29
CA ALA B 145 -6.29 -3.26 -0.60
C ALA B 145 -6.16 -3.47 0.91
N ALA B 146 -6.60 -4.63 1.40
CA ALA B 146 -6.52 -4.96 2.82
C ALA B 146 -5.27 -5.84 3.00
N ASN B 147 -4.33 -5.40 3.84
CA ASN B 147 -3.08 -6.14 4.05
C ASN B 147 -2.52 -6.55 2.68
N PRO B 148 -2.47 -5.60 1.73
CA PRO B 148 -1.97 -5.85 0.37
C PRO B 148 -0.54 -6.36 0.21
N ILE B 149 -0.33 -7.15 -0.83
CA ILE B 149 1.00 -7.65 -1.14
C ILE B 149 1.41 -7.16 -2.52
N ASN B 150 0.44 -6.84 -3.38
CA ASN B 150 0.79 -6.36 -4.71
C ASN B 150 0.69 -4.84 -4.84
N LEU B 151 1.33 -4.30 -5.87
CA LEU B 151 1.33 -2.85 -6.07
C LEU B 151 -0.06 -2.29 -6.24
N TYR B 152 -0.88 -2.96 -7.04
CA TYR B 152 -2.25 -2.50 -7.26
C TYR B 152 -2.96 -2.30 -5.93
N GLY B 153 -2.85 -3.30 -5.06
CA GLY B 153 -3.51 -3.22 -3.77
C GLY B 153 -3.01 -2.09 -2.90
N ALA B 154 -1.71 -1.82 -2.97
CA ALA B 154 -1.15 -0.74 -2.17
C ALA B 154 -1.67 0.60 -2.67
N THR B 155 -1.81 0.76 -3.99
CA THR B 155 -2.29 2.04 -4.52
C THR B 155 -3.73 2.28 -4.11
N LYS B 156 -4.52 1.21 -4.06
CA LYS B 156 -5.92 1.34 -3.65
C LYS B 156 -6.03 1.68 -2.17
N LEU B 157 -5.11 1.15 -1.37
CA LEU B 157 -5.09 1.44 0.06
C LEU B 157 -4.77 2.93 0.23
N CYS B 158 -3.81 3.43 -0.55
CA CYS B 158 -3.47 4.84 -0.49
C CYS B 158 -4.68 5.67 -0.90
N SER B 159 -5.36 5.23 -1.94
CA SER B 159 -6.56 5.91 -2.43
C SER B 159 -7.63 5.95 -1.32
N ASP B 160 -7.91 4.78 -0.75
CA ASP B 160 -8.90 4.69 0.33
C ASP B 160 -8.58 5.65 1.46
N LYS B 161 -7.31 5.72 1.84
CA LYS B 161 -6.85 6.61 2.90
C LYS B 161 -7.06 8.07 2.55
N LEU B 162 -6.83 8.42 1.28
CA LEU B 162 -7.01 9.80 0.82
C LEU B 162 -8.49 10.19 0.92
N PHE B 163 -9.36 9.34 0.40
CA PHE B 163 -10.79 9.65 0.44
C PHE B 163 -11.30 9.78 1.87
N VAL B 164 -10.93 8.85 2.73
CA VAL B 164 -11.38 8.90 4.13
C VAL B 164 -10.90 10.20 4.78
N SER B 165 -9.64 10.54 4.57
CA SER B 165 -9.04 11.74 5.15
C SER B 165 -9.62 13.04 4.61
N ALA B 166 -10.20 13.00 3.41
CA ALA B 166 -10.77 14.18 2.79
C ALA B 166 -11.97 14.74 3.54
N ASN B 167 -12.53 13.95 4.46
CA ASN B 167 -13.69 14.38 5.23
C ASN B 167 -13.33 15.41 6.30
N ASN B 168 -12.04 15.51 6.61
CA ASN B 168 -11.59 16.45 7.64
C ASN B 168 -11.83 17.89 7.15
N PHE B 169 -11.61 18.10 5.86
CA PHE B 169 -11.80 19.41 5.22
C PHE B 169 -13.19 19.98 5.54
N LYS B 170 -13.31 21.30 5.52
CA LYS B 170 -14.58 21.96 5.81
C LYS B 170 -14.72 23.32 5.14
N GLY B 171 -15.18 23.33 3.89
CA GLY B 171 -15.37 24.58 3.18
C GLY B 171 -16.78 25.09 3.36
N SER B 172 -17.22 25.99 2.48
CA SER B 172 -18.57 26.54 2.56
C SER B 172 -19.62 25.43 2.44
N SER B 173 -19.16 24.28 1.94
CA SER B 173 -20.02 23.11 1.77
C SER B 173 -19.19 21.88 2.14
N GLN B 174 -19.67 21.09 3.10
CA GLN B 174 -18.92 19.91 3.53
C GLN B 174 -19.21 18.64 2.73
N THR B 175 -18.38 18.43 1.71
CA THR B 175 -18.48 17.26 0.84
C THR B 175 -18.23 15.97 1.60
N GLN B 176 -19.04 14.96 1.34
CA GLN B 176 -18.89 13.67 2.01
C GLN B 176 -18.16 12.70 1.09
N PHE B 177 -17.19 11.97 1.66
CA PHE B 177 -16.39 10.99 0.93
C PHE B 177 -16.41 9.66 1.65
N SER B 178 -16.89 8.61 0.98
CA SER B 178 -16.90 7.27 1.56
C SER B 178 -16.32 6.30 0.54
N VAL B 179 -16.01 5.09 1.00
CA VAL B 179 -15.42 4.06 0.16
C VAL B 179 -16.23 2.77 0.18
N VAL B 180 -16.30 2.12 -0.97
CA VAL B 180 -17.01 0.86 -1.06
C VAL B 180 -16.00 -0.21 -1.48
N ARG B 181 -15.81 -1.20 -0.61
CA ARG B 181 -14.85 -2.27 -0.85
C ARG B 181 -15.45 -3.66 -0.98
N TYR B 182 -15.21 -4.32 -2.11
CA TYR B 182 -15.69 -5.69 -2.31
C TYR B 182 -14.73 -6.48 -3.20
N GLY B 183 -14.93 -7.79 -3.28
CA GLY B 183 -14.05 -8.62 -4.06
C GLY B 183 -14.27 -8.78 -5.55
N ASN B 184 -13.84 -9.94 -6.05
CA ASN B 184 -13.95 -10.29 -7.45
C ASN B 184 -15.37 -10.21 -7.96
N VAL B 185 -15.54 -9.68 -9.17
CA VAL B 185 -16.85 -9.57 -9.79
C VAL B 185 -17.03 -10.76 -10.72
N VAL B 186 -18.08 -11.53 -10.50
CA VAL B 186 -18.36 -12.70 -11.32
C VAL B 186 -18.29 -12.33 -12.79
N GLY B 187 -17.33 -12.92 -13.51
CA GLY B 187 -17.18 -12.64 -14.92
C GLY B 187 -16.97 -11.18 -15.26
N SER B 188 -15.98 -10.55 -14.63
CA SER B 188 -15.68 -9.15 -14.87
C SER B 188 -15.10 -8.98 -16.27
N ARG B 189 -15.08 -7.75 -16.77
CA ARG B 189 -14.57 -7.47 -18.11
C ARG B 189 -13.33 -8.26 -18.48
N GLY B 190 -12.46 -8.51 -17.50
CA GLY B 190 -11.25 -9.27 -17.76
C GLY B 190 -11.10 -10.46 -16.83
N SER B 191 -12.12 -10.71 -16.02
CA SER B 191 -12.11 -11.81 -15.07
C SER B 191 -11.77 -13.15 -15.71
N VAL B 192 -11.87 -14.22 -14.92
CA VAL B 192 -11.59 -15.57 -15.41
C VAL B 192 -12.82 -16.22 -16.01
N VAL B 193 -13.98 -15.94 -15.43
CA VAL B 193 -15.23 -16.51 -15.92
C VAL B 193 -15.35 -16.26 -17.42
N PRO B 194 -15.23 -14.99 -17.85
CA PRO B 194 -15.33 -14.68 -19.28
C PRO B 194 -14.18 -15.28 -20.07
N PHE B 195 -13.13 -15.66 -19.35
CA PHE B 195 -11.95 -16.27 -19.95
C PHE B 195 -12.19 -17.76 -20.16
N PHE B 196 -12.76 -18.40 -19.14
CA PHE B 196 -13.06 -19.83 -19.18
C PHE B 196 -14.10 -20.16 -20.25
N LYS B 197 -15.03 -19.24 -20.48
CA LYS B 197 -16.08 -19.45 -21.47
C LYS B 197 -15.54 -19.30 -22.89
N LYS B 198 -14.51 -18.47 -23.05
CA LYS B 198 -13.91 -18.25 -24.36
C LYS B 198 -13.05 -19.45 -24.76
N LEU B 199 -12.47 -20.11 -23.77
CA LEU B 199 -11.62 -21.27 -24.02
C LEU B 199 -12.45 -22.46 -24.48
N VAL B 200 -13.38 -22.89 -23.64
CA VAL B 200 -14.23 -24.03 -23.96
C VAL B 200 -14.98 -23.78 -25.28
N GLN B 201 -15.26 -22.51 -25.54
CA GLN B 201 -15.96 -22.11 -26.77
C GLN B 201 -15.05 -22.30 -27.98
N ASN B 202 -13.80 -21.88 -27.84
CA ASN B 202 -12.81 -22.01 -28.91
C ASN B 202 -12.17 -23.39 -28.80
N LYS B 203 -12.96 -24.37 -28.40
CA LYS B 203 -12.49 -25.74 -28.25
C LYS B 203 -11.34 -25.83 -27.25
N ALA B 204 -11.69 -25.87 -25.96
CA ALA B 204 -10.70 -25.96 -24.91
C ALA B 204 -10.23 -27.40 -24.71
N SER B 205 -9.00 -27.55 -24.24
CA SER B 205 -8.42 -28.86 -23.99
C SER B 205 -7.53 -28.80 -22.75
N GLU B 206 -7.55 -27.66 -22.09
CA GLU B 206 -6.75 -27.43 -20.89
C GLU B 206 -7.08 -26.06 -20.28
N ILE B 207 -7.33 -26.04 -18.98
CA ILE B 207 -7.67 -24.80 -18.28
C ILE B 207 -6.60 -24.42 -17.25
N PRO B 208 -6.14 -23.16 -17.28
CA PRO B 208 -5.12 -22.66 -16.35
C PRO B 208 -5.60 -22.50 -14.91
N ILE B 209 -4.96 -23.23 -13.99
CA ILE B 209 -5.28 -23.18 -12.57
C ILE B 209 -4.03 -22.76 -11.79
N THR B 210 -4.23 -22.16 -10.62
CA THR B 210 -3.11 -21.71 -9.81
C THR B 210 -2.82 -22.60 -8.59
N ASP B 211 -3.75 -22.63 -7.64
CA ASP B 211 -3.57 -23.44 -6.43
C ASP B 211 -4.89 -24.06 -5.97
N ILE B 212 -4.79 -25.21 -5.32
CA ILE B 212 -5.96 -25.92 -4.81
C ILE B 212 -6.74 -25.12 -3.78
N ARG B 213 -6.16 -24.94 -2.61
CA ARG B 213 -6.78 -24.21 -1.51
C ARG B 213 -7.12 -22.74 -1.81
N MET B 214 -6.98 -22.32 -3.06
CA MET B 214 -7.30 -20.95 -3.44
C MET B 214 -8.70 -20.55 -3.01
N THR B 215 -8.90 -19.25 -2.79
CA THR B 215 -10.20 -18.76 -2.37
C THR B 215 -10.37 -17.30 -2.77
N ARG B 216 -11.61 -16.94 -3.12
CA ARG B 216 -11.94 -15.58 -3.54
C ARG B 216 -13.39 -15.25 -3.24
N PHE B 217 -13.64 -14.04 -2.78
CA PHE B 217 -15.01 -13.62 -2.51
C PHE B 217 -15.63 -13.41 -3.89
N TRP B 218 -16.94 -13.57 -3.98
CA TRP B 218 -17.62 -13.37 -5.25
C TRP B 218 -18.92 -12.60 -5.07
N ILE B 219 -19.15 -11.66 -5.97
CA ILE B 219 -20.34 -10.84 -5.94
C ILE B 219 -20.65 -10.53 -7.39
N THR B 220 -21.91 -10.30 -7.71
CA THR B 220 -22.30 -10.01 -9.07
C THR B 220 -22.15 -8.52 -9.34
N LEU B 221 -22.04 -8.16 -10.61
CA LEU B 221 -21.89 -6.78 -11.01
C LEU B 221 -23.10 -5.99 -10.53
N ASP B 222 -24.29 -6.56 -10.72
CA ASP B 222 -25.52 -5.90 -10.31
C ASP B 222 -25.62 -5.70 -8.80
N GLU B 223 -25.12 -6.66 -8.03
CA GLU B 223 -25.14 -6.53 -6.58
C GLU B 223 -24.15 -5.43 -6.15
N GLY B 224 -23.01 -5.37 -6.81
CA GLY B 224 -22.03 -4.35 -6.47
C GLY B 224 -22.63 -2.98 -6.69
N VAL B 225 -23.27 -2.81 -7.85
CA VAL B 225 -23.89 -1.54 -8.21
C VAL B 225 -24.97 -1.18 -7.21
N SER B 226 -25.82 -2.15 -6.87
CA SER B 226 -26.89 -1.90 -5.92
C SER B 226 -26.29 -1.53 -4.57
N PHE B 227 -25.18 -2.16 -4.21
CA PHE B 227 -24.53 -1.88 -2.94
C PHE B 227 -24.01 -0.44 -2.90
N VAL B 228 -23.42 0.02 -4.00
CA VAL B 228 -22.91 1.39 -4.05
C VAL B 228 -24.04 2.38 -3.86
N LEU B 229 -25.14 2.16 -4.59
CA LEU B 229 -26.28 3.06 -4.49
C LEU B 229 -26.88 3.07 -3.10
N LYS B 230 -26.95 1.90 -2.45
CA LYS B 230 -27.50 1.85 -1.11
C LYS B 230 -26.57 2.57 -0.13
N SER B 231 -25.26 2.44 -0.36
CA SER B 231 -24.27 3.09 0.50
C SER B 231 -24.44 4.60 0.44
N LEU B 232 -24.87 5.10 -0.72
CA LEU B 232 -25.10 6.53 -0.90
C LEU B 232 -26.20 7.02 0.03
N LYS B 233 -27.23 6.20 0.21
CA LYS B 233 -28.36 6.54 1.06
C LYS B 233 -28.07 6.48 2.55
N ARG B 234 -27.12 5.65 2.95
CA ARG B 234 -26.80 5.51 4.37
C ARG B 234 -25.52 6.18 4.86
N MET B 235 -24.65 6.57 3.94
CA MET B 235 -23.37 7.19 4.30
C MET B 235 -23.42 8.55 5.01
N HIS B 236 -22.47 8.75 5.91
CA HIS B 236 -22.30 10.00 6.66
C HIS B 236 -21.02 10.64 6.12
N GLY B 237 -20.16 9.78 5.58
CA GLY B 237 -18.89 10.24 5.04
C GLY B 237 -17.74 9.74 5.89
N GLY B 238 -16.80 9.04 5.28
CA GLY B 238 -15.65 8.54 6.01
C GLY B 238 -15.68 7.04 6.20
N GLU B 239 -16.78 6.40 5.83
CA GLU B 239 -16.91 4.96 5.99
C GLU B 239 -16.28 4.15 4.85
N ILE B 240 -15.92 2.91 5.17
CA ILE B 240 -15.43 1.98 4.18
C ILE B 240 -16.48 0.88 4.23
N PHE B 241 -17.40 0.89 3.26
CA PHE B 241 -18.47 -0.09 3.20
C PHE B 241 -18.04 -1.44 2.63
N VAL B 242 -18.33 -2.50 3.38
CA VAL B 242 -17.97 -3.85 2.98
C VAL B 242 -19.22 -4.74 3.02
N PRO B 243 -19.60 -5.32 1.88
CA PRO B 243 -20.77 -6.19 1.79
C PRO B 243 -20.49 -7.65 2.17
N LYS B 244 -21.44 -8.29 2.84
CA LYS B 244 -21.29 -9.69 3.22
C LYS B 244 -21.53 -10.53 1.98
N ILE B 245 -20.48 -11.16 1.48
CA ILE B 245 -20.60 -11.99 0.28
C ILE B 245 -19.94 -13.35 0.43
N PRO B 246 -20.51 -14.37 -0.23
CA PRO B 246 -20.02 -15.76 -0.20
C PRO B 246 -18.62 -15.94 -0.78
N SER B 247 -18.02 -17.08 -0.49
CA SER B 247 -16.69 -17.42 -0.97
C SER B 247 -16.72 -18.69 -1.81
N MET B 248 -15.86 -18.76 -2.82
CA MET B 248 -15.80 -19.93 -3.69
C MET B 248 -14.38 -20.37 -3.98
N LYS B 249 -14.10 -21.65 -3.74
CA LYS B 249 -12.78 -22.21 -4.00
C LYS B 249 -12.66 -22.31 -5.53
N MET B 250 -11.47 -22.04 -6.05
CA MET B 250 -11.26 -22.09 -7.49
C MET B 250 -11.47 -23.49 -8.08
N THR B 251 -11.47 -24.50 -7.21
CA THR B 251 -11.68 -25.88 -7.66
C THR B 251 -13.03 -25.99 -8.35
N ASP B 252 -14.09 -25.75 -7.60
CA ASP B 252 -15.45 -25.83 -8.11
C ASP B 252 -15.74 -24.85 -9.25
N LEU B 253 -15.00 -23.75 -9.31
CA LEU B 253 -15.19 -22.75 -10.34
C LEU B 253 -14.90 -23.28 -11.74
N ALA B 254 -13.78 -24.00 -11.88
CA ALA B 254 -13.38 -24.56 -13.16
C ALA B 254 -14.21 -25.77 -13.58
N LYS B 255 -14.65 -26.56 -12.60
CA LYS B 255 -15.44 -27.76 -12.87
C LYS B 255 -16.84 -27.42 -13.39
N ALA B 256 -17.45 -26.39 -12.82
CA ALA B 256 -18.79 -25.98 -13.23
C ALA B 256 -18.80 -25.13 -14.49
N LEU B 257 -17.63 -24.70 -14.94
CA LEU B 257 -17.54 -23.87 -16.14
C LEU B 257 -16.79 -24.57 -17.29
N ALA B 258 -16.31 -25.79 -17.02
CA ALA B 258 -15.59 -26.58 -18.01
C ALA B 258 -15.20 -27.93 -17.42
N PRO B 259 -16.20 -28.80 -17.17
CA PRO B 259 -15.96 -30.13 -16.61
C PRO B 259 -15.53 -31.17 -17.64
N ASN B 260 -15.52 -30.77 -18.91
CA ASN B 260 -15.15 -31.68 -19.99
C ASN B 260 -13.69 -31.56 -20.43
N THR B 261 -12.96 -30.62 -19.82
CA THR B 261 -11.55 -30.42 -20.17
C THR B 261 -10.68 -30.42 -18.92
N PRO B 262 -9.40 -30.82 -19.05
CA PRO B 262 -8.46 -30.86 -17.93
C PRO B 262 -7.94 -29.48 -17.53
N THR B 263 -7.15 -29.42 -16.47
CA THR B 263 -6.59 -28.18 -15.99
C THR B 263 -5.16 -28.38 -15.49
N LYS B 264 -4.24 -27.53 -15.95
CA LYS B 264 -2.84 -27.61 -15.53
C LYS B 264 -2.55 -26.53 -14.49
N ILE B 265 -1.90 -26.92 -13.40
CA ILE B 265 -1.57 -25.98 -12.33
C ILE B 265 -0.48 -24.99 -12.76
N ILE B 266 -0.88 -24.00 -13.56
CA ILE B 266 0.06 -22.99 -14.05
C ILE B 266 0.70 -22.23 -12.89
N GLY B 267 1.76 -21.50 -13.20
CA GLY B 267 2.45 -20.74 -12.17
C GLY B 267 1.59 -19.63 -11.61
N ILE B 268 1.76 -19.34 -10.32
CA ILE B 268 1.01 -18.29 -9.66
C ILE B 268 1.41 -16.92 -10.23
N ARG B 269 0.42 -16.13 -10.63
CA ARG B 269 0.69 -14.82 -11.20
C ARG B 269 1.52 -13.94 -10.26
N PRO B 270 2.20 -12.93 -10.81
CA PRO B 270 3.03 -12.03 -10.00
C PRO B 270 2.17 -11.21 -9.04
N GLY B 271 2.49 -11.30 -7.74
CA GLY B 271 1.76 -10.54 -6.74
C GLY B 271 0.39 -11.04 -6.32
N GLU B 272 0.12 -12.32 -6.55
CA GLU B 272 -1.18 -12.89 -6.19
C GLU B 272 -1.19 -13.56 -4.82
N LYS B 273 -2.32 -13.44 -4.12
CA LYS B 273 -2.49 -14.05 -2.81
C LYS B 273 -3.29 -15.34 -2.98
N LEU B 274 -3.31 -16.17 -1.95
CA LEU B 274 -4.08 -17.41 -2.00
C LEU B 274 -5.50 -17.07 -1.57
N HIS B 275 -5.61 -16.32 -0.48
CA HIS B 275 -6.89 -15.88 0.05
C HIS B 275 -6.91 -14.37 0.17
N GLU B 276 -8.04 -13.75 -0.20
CA GLU B 276 -8.18 -12.30 -0.12
C GLU B 276 -8.80 -11.90 1.21
N VAL B 277 -8.32 -10.79 1.77
CA VAL B 277 -8.82 -10.28 3.04
C VAL B 277 -9.85 -9.17 2.78
N MET B 278 -10.87 -9.10 3.62
CA MET B 278 -11.91 -8.08 3.47
C MET B 278 -11.79 -7.09 4.62
N ILE B 279 -11.59 -7.61 5.83
CA ILE B 279 -11.42 -6.78 7.01
C ILE B 279 -10.23 -7.30 7.82
N PRO B 280 -9.10 -6.58 7.80
CA PRO B 280 -7.89 -6.95 8.52
C PRO B 280 -8.13 -7.18 10.01
N LYS B 281 -7.48 -8.18 10.59
CA LYS B 281 -7.65 -8.46 12.00
C LYS B 281 -7.27 -7.26 12.85
N ASP B 282 -6.24 -6.53 12.43
CA ASP B 282 -5.77 -5.35 13.16
C ASP B 282 -6.71 -4.16 13.08
N GLU B 283 -7.77 -4.26 12.30
CA GLU B 283 -8.72 -3.16 12.17
C GLU B 283 -10.10 -3.50 12.70
N SER B 284 -10.25 -4.69 13.27
CA SER B 284 -11.53 -5.13 13.82
C SER B 284 -12.12 -4.07 14.75
N HIS B 285 -11.31 -3.57 15.66
CA HIS B 285 -11.72 -2.57 16.63
C HIS B 285 -12.41 -1.34 16.02
N LEU B 286 -12.33 -1.23 14.70
CA LEU B 286 -12.93 -0.11 13.99
C LEU B 286 -14.19 -0.59 13.27
N ALA B 287 -14.29 -1.90 13.10
CA ALA B 287 -15.41 -2.51 12.39
C ALA B 287 -16.73 -2.61 13.16
N LEU B 288 -17.81 -2.33 12.45
CA LEU B 288 -19.18 -2.39 12.96
C LEU B 288 -19.95 -3.30 12.03
N GLU B 289 -20.57 -4.34 12.59
CA GLU B 289 -21.33 -5.28 11.79
C GLU B 289 -22.80 -4.88 11.68
N PHE B 290 -23.39 -5.21 10.53
CA PHE B 290 -24.79 -4.92 10.26
C PHE B 290 -25.40 -6.19 9.70
N GLU B 291 -26.67 -6.11 9.28
CA GLU B 291 -27.36 -7.28 8.75
C GLU B 291 -26.70 -7.84 7.49
N ASP B 292 -26.55 -6.99 6.47
CA ASP B 292 -25.96 -7.42 5.21
C ASP B 292 -24.63 -6.76 4.86
N PHE B 293 -24.04 -6.03 5.78
CA PHE B 293 -22.77 -5.36 5.49
C PHE B 293 -21.99 -4.96 6.73
N PHE B 294 -20.76 -4.50 6.51
CA PHE B 294 -19.87 -4.05 7.57
C PHE B 294 -19.45 -2.62 7.28
N ILE B 295 -19.01 -1.92 8.32
CA ILE B 295 -18.50 -0.55 8.17
C ILE B 295 -17.17 -0.46 8.91
N ILE B 296 -16.11 -0.08 8.18
CA ILE B 296 -14.83 0.10 8.82
C ILE B 296 -14.73 1.59 9.05
N GLN B 297 -14.70 1.99 10.33
CA GLN B 297 -14.62 3.39 10.70
C GLN B 297 -13.21 3.97 10.48
N PRO B 298 -13.12 5.30 10.36
CA PRO B 298 -11.82 5.96 10.16
C PRO B 298 -10.84 5.70 11.30
N THR B 299 -9.57 5.55 10.98
CA THR B 299 -8.54 5.32 11.98
C THR B 299 -8.23 6.66 12.65
N ILE B 300 -8.53 7.74 11.94
CA ILE B 300 -8.29 9.10 12.43
C ILE B 300 -9.59 9.71 12.92
N SER B 301 -9.48 10.80 13.69
CA SER B 301 -10.65 11.48 14.22
C SER B 301 -10.82 12.83 13.54
N PHE B 302 -12.05 13.14 13.13
CA PHE B 302 -12.33 14.41 12.45
C PHE B 302 -12.69 15.54 13.40
N GLN B 303 -13.03 16.68 12.83
CA GLN B 303 -13.42 17.85 13.60
C GLN B 303 -14.76 17.54 14.24
N THR B 304 -15.76 17.28 13.39
CA THR B 304 -17.09 16.95 13.86
C THR B 304 -17.33 15.45 13.66
N PRO B 305 -17.20 14.67 14.74
CA PRO B 305 -17.40 13.22 14.70
C PRO B 305 -18.75 12.80 14.10
N LYS B 306 -18.87 11.51 13.83
CA LYS B 306 -20.09 10.94 13.26
C LYS B 306 -20.41 9.67 14.03
N ASP B 307 -21.68 9.32 14.12
CA ASP B 307 -22.08 8.10 14.82
C ASP B 307 -22.33 7.00 13.80
N TYR B 308 -21.25 6.38 13.36
CA TYR B 308 -21.32 5.31 12.37
C TYR B 308 -22.14 4.10 12.84
N THR B 309 -22.60 4.13 14.09
CA THR B 309 -23.40 3.03 14.62
C THR B 309 -24.79 3.01 14.00
N LEU B 310 -25.27 4.18 13.57
CA LEU B 310 -26.59 4.32 12.95
C LEU B 310 -26.47 4.98 11.58
N THR B 311 -26.78 4.22 10.52
CA THR B 311 -26.72 4.73 9.16
C THR B 311 -27.83 5.74 8.93
N LYS B 312 -27.82 6.39 7.77
CA LYS B 312 -28.84 7.37 7.44
C LYS B 312 -30.18 6.66 7.26
N LEU B 313 -30.14 5.34 7.10
CA LEU B 313 -31.36 4.55 6.93
C LEU B 313 -31.79 3.98 8.28
N HIS B 314 -31.32 4.63 9.35
CA HIS B 314 -31.64 4.23 10.72
C HIS B 314 -31.32 2.77 11.01
N GLU B 315 -30.29 2.25 10.36
CA GLU B 315 -29.89 0.87 10.57
C GLU B 315 -28.84 0.85 11.69
N LYS B 316 -28.98 -0.10 12.61
CA LYS B 316 -28.06 -0.21 13.73
C LYS B 316 -26.97 -1.24 13.48
N GLY B 317 -25.76 -0.94 13.93
CA GLY B 317 -24.64 -1.85 13.75
C GLY B 317 -23.92 -2.07 15.08
N GLN B 318 -23.39 -3.27 15.27
CA GLN B 318 -22.70 -3.61 16.50
C GLN B 318 -21.23 -3.95 16.26
N LYS B 319 -20.36 -3.53 17.19
CA LYS B 319 -18.94 -3.80 17.07
C LYS B 319 -18.71 -5.29 16.91
N VAL B 320 -17.61 -5.65 16.24
CA VAL B 320 -17.29 -7.05 16.03
C VAL B 320 -16.34 -7.57 17.11
N ALA B 321 -15.94 -8.83 16.99
CA ALA B 321 -15.03 -9.44 17.94
C ALA B 321 -13.64 -8.86 17.76
N PRO B 322 -12.98 -8.46 18.86
CA PRO B 322 -11.64 -7.88 18.84
C PRO B 322 -10.60 -8.76 18.11
N ASP B 323 -11.04 -9.92 17.64
CA ASP B 323 -10.15 -10.83 16.94
C ASP B 323 -10.72 -11.23 15.59
N PHE B 324 -11.83 -10.60 15.21
CA PHE B 324 -12.49 -10.88 13.95
C PHE B 324 -11.61 -10.55 12.75
N GLU B 325 -11.87 -11.24 11.64
CA GLU B 325 -11.13 -11.02 10.40
C GLU B 325 -11.90 -11.63 9.24
N TYR B 326 -12.41 -10.77 8.37
CA TYR B 326 -13.18 -11.21 7.22
C TYR B 326 -12.25 -11.68 6.09
N SER B 327 -11.98 -12.98 6.07
CA SER B 327 -11.13 -13.56 5.03
C SER B 327 -12.01 -14.42 4.13
N SER B 328 -11.49 -14.79 2.97
CA SER B 328 -12.26 -15.60 2.03
C SER B 328 -12.29 -17.07 2.42
N HIS B 329 -11.40 -17.48 3.33
CA HIS B 329 -11.36 -18.87 3.75
C HIS B 329 -12.09 -19.15 5.07
N ASN B 330 -12.38 -18.11 5.84
CA ASN B 330 -13.07 -18.28 7.11
C ASN B 330 -14.51 -17.79 7.00
N ASN B 331 -15.04 -17.81 5.78
CA ASN B 331 -16.40 -17.37 5.52
C ASN B 331 -17.35 -18.56 5.60
N ASN B 332 -18.61 -18.28 5.94
CA ASN B 332 -19.62 -19.33 6.06
C ASN B 332 -20.42 -19.48 4.77
N GLN B 333 -20.49 -18.40 3.99
CA GLN B 333 -21.23 -18.40 2.73
C GLN B 333 -20.38 -18.98 1.60
N TRP B 334 -20.95 -19.95 0.87
CA TRP B 334 -20.25 -20.57 -0.25
C TRP B 334 -21.22 -20.87 -1.38
N LEU B 335 -20.93 -20.33 -2.56
CA LEU B 335 -21.78 -20.55 -3.73
C LEU B 335 -21.42 -21.83 -4.46
N GLU B 336 -22.39 -22.73 -4.58
CA GLU B 336 -22.20 -24.01 -5.26
C GLU B 336 -22.10 -23.80 -6.77
N PRO B 337 -21.48 -24.76 -7.47
CA PRO B 337 -21.30 -24.72 -8.92
C PRO B 337 -22.58 -24.45 -9.72
N ASP B 338 -23.73 -24.54 -9.07
CA ASP B 338 -25.00 -24.31 -9.73
C ASP B 338 -25.29 -22.85 -10.04
N ASP B 339 -25.57 -22.07 -8.99
CA ASP B 339 -25.87 -20.65 -9.15
C ASP B 339 -24.83 -19.93 -10.00
N LEU B 340 -23.60 -20.43 -9.99
CA LEU B 340 -22.54 -19.83 -10.78
C LEU B 340 -22.94 -19.82 -12.25
N LEU B 341 -23.35 -20.99 -12.74
CA LEU B 341 -23.79 -21.11 -14.13
C LEU B 341 -25.00 -20.23 -14.38
N LYS B 342 -25.71 -19.89 -13.31
CA LYS B 342 -26.89 -19.05 -13.41
C LYS B 342 -26.47 -17.59 -13.63
N LEU B 343 -25.17 -17.37 -13.72
CA LEU B 343 -24.64 -16.04 -13.93
C LEU B 343 -24.02 -15.96 -15.32
N LEU B 344 -24.73 -15.32 -16.24
CA LEU B 344 -24.26 -15.17 -17.62
C LEU B 344 -23.19 -14.10 -17.70
PA NAP C . 14.78 10.27 10.22
O1A NAP C . 15.65 10.36 11.58
O2A NAP C . 13.34 10.94 10.30
O5B NAP C . 15.52 10.96 8.95
C5B NAP C . 14.77 11.13 7.75
C4B NAP C . 15.36 12.33 7.07
O4B NAP C . 14.79 12.47 5.77
C3B NAP C . 15.05 13.58 7.82
O3B NAP C . 16.19 13.90 8.63
C2B NAP C . 14.81 14.61 6.78
O2B NAP C . 15.87 15.57 6.82
C1B NAP C . 14.82 13.87 5.46
N9A NAP C . 13.65 14.23 4.60
C8A NAP C . 12.35 14.18 5.00
N7A NAP C . 11.58 14.57 3.98
C5A NAP C . 12.50 14.86 2.95
C6A NAP C . 12.23 15.33 1.60
N6A NAP C . 10.93 15.53 1.22
N1A NAP C . 13.31 15.54 0.78
C2A NAP C . 14.58 15.28 1.30
N3A NAP C . 14.89 14.85 2.53
C4A NAP C . 13.79 14.64 3.36
O3 NAP C . 14.50 8.80 9.72
PN NAP C . 15.42 7.50 9.93
O1N NAP C . 16.99 7.78 9.76
O2N NAP C . 14.98 6.96 11.37
O5D NAP C . 14.80 6.43 8.89
C5D NAP C . 15.29 6.51 7.58
C4D NAP C . 14.81 5.28 6.85
O4D NAP C . 14.97 4.14 7.69
C3D NAP C . 13.36 5.39 6.51
O3D NAP C . 13.24 5.69 5.12
C2D NAP C . 12.77 4.06 6.82
O2D NAP C . 12.40 3.39 5.62
C1D NAP C . 13.85 3.27 7.51
N1N NAP C . 13.35 2.73 8.81
C2N NAP C . 13.35 3.57 9.90
C3N NAP C . 12.86 3.01 11.11
C7N NAP C . 12.82 3.82 12.37
O7N NAP C . 12.54 3.37 13.46
N7N NAP C . 13.11 5.15 12.19
C4N NAP C . 12.43 1.64 11.13
C5N NAP C . 12.47 0.85 9.95
C6N NAP C . 12.94 1.41 8.76
P2B NAP C . 15.54 17.12 6.48
O1X NAP C . 16.84 18.07 6.58
O2X NAP C . 14.85 17.08 5.02
O3X NAP C . 14.33 17.52 7.47
N1 UDP D . 4.35 2.16 22.59
C2 UDP D . 3.95 2.12 23.93
N3 UDP D . 3.68 3.33 24.55
C4 UDP D . 3.79 4.59 23.95
C5 UDP D . 4.21 4.57 22.52
C6 UDP D . 4.46 3.37 21.94
O2 UDP D . 3.84 1.08 24.53
O4 UDP D . 3.54 5.62 24.55
C1' UDP D . 4.66 0.90 21.89
C2' UDP D . 3.81 0.65 20.67
O2' UDP D . 2.75 -0.24 21.03
C3' UDP D . 4.71 0.02 19.66
C4' UDP D . 6.10 0.21 20.20
O4' UDP D . 6.02 0.88 21.46
O3' UDP D . 4.46 -1.37 19.61
C5' UDP D . 6.94 1.06 19.26
O5' UDP D . 6.41 2.37 19.26
PA UDP D . 7.16 3.47 18.35
O1A UDP D . 6.38 4.88 18.22
O2A UDP D . 8.65 3.57 18.97
O3A UDP D . 7.40 2.73 16.93
PB UDP D . 6.39 2.46 15.70
O1B UDP D . 4.98 3.25 15.81
O2B UDP D . 6.25 0.85 15.65
O3B UDP D . 7.26 2.83 14.40
O1 MES E . 12.14 7.33 -13.75
C2 MES E . 11.00 7.24 -12.90
C3 MES E . 10.68 5.75 -12.71
N4 MES E . 10.37 5.17 -14.01
C5 MES E . 11.53 5.31 -14.88
C6 MES E . 11.85 6.80 -15.05
C7 MES E . 10.07 3.75 -13.86
C8 MES E . 8.59 3.57 -13.52
S MES E . 8.20 1.89 -14.00
O1S MES E . 8.59 1.76 -15.40
O2S MES E . 6.77 1.78 -13.80
O3S MES E . 8.97 1.02 -13.12
PA NAP F . -12.71 -1.68 -15.75
O1A NAP F . -13.71 -2.63 -16.62
O2A NAP F . -11.15 -1.85 -16.11
O5B NAP F . -13.02 -0.09 -15.94
C5B NAP F . -11.98 0.83 -15.67
C4B NAP F . -12.39 2.12 -16.31
O4B NAP F . -11.52 3.16 -15.87
C3B NAP F . -12.27 2.03 -17.81
O3B NAP F . -13.55 2.34 -18.34
C2B NAP F . -11.28 3.07 -18.20
O2B NAP F . -11.80 3.76 -19.33
C1B NAP F . -11.18 3.96 -17.00
N9A NAP F . -9.82 4.55 -16.80
C8A NAP F . -8.66 3.83 -16.74
N7A NAP F . -7.64 4.67 -16.55
C5A NAP F . -8.27 5.94 -16.50
C6A NAP F . -7.65 7.23 -16.30
N6A NAP F . -6.30 7.30 -16.14
N1A NAP F . -8.48 8.33 -16.29
C2A NAP F . -9.85 8.12 -16.46
N3A NAP F . -10.48 6.94 -16.65
C4A NAP F . -9.63 5.84 -16.66
O3 NAP F . -12.79 -1.91 -14.19
PN NAP F . -14.07 -2.27 -13.29
O1N NAP F . -15.46 -1.69 -13.84
O2N NAP F . -14.01 -3.89 -13.21
O5D NAP F . -13.67 -1.79 -11.81
C5D NAP F . -14.07 -0.48 -11.48
C4D NAP F . -13.50 -0.18 -10.11
O4D NAP F . -13.93 -1.20 -9.20
C3D NAP F . -12.01 -0.19 -10.16
O3D NAP F . -11.56 1.03 -9.58
C2D NAP F . -11.59 -1.35 -9.34
O2D NAP F . -10.51 -0.95 -8.50
C1D NAP F . -12.79 -1.72 -8.52
N1N NAP F . -12.95 -3.19 -8.32
C2N NAP F . -12.77 -4.04 -9.41
C3N NAP F . -12.93 -5.42 -9.16
C7N NAP F . -12.76 -6.43 -10.25
O7N NAP F . -13.01 -7.61 -10.12
N7N NAP F . -12.30 -5.91 -11.43
C4N NAP F . -13.24 -5.87 -7.83
C5N NAP F . -13.40 -4.93 -6.77
C6N NAP F . -13.25 -3.56 -7.03
P2B NAP F . -10.77 4.35 -20.43
O1X NAP F . -11.46 4.65 -21.84
O2X NAP F . -10.11 5.63 -19.73
O3X NAP F . -9.55 3.28 -20.48
N1 UDP G . -6.83 -17.72 -12.34
C2 UDP G . -6.65 -18.95 -12.96
N3 UDP G . -6.11 -18.95 -14.24
C4 UDP G . -5.75 -17.82 -14.96
C5 UDP G . -5.98 -16.52 -14.25
C6 UDP G . -6.50 -16.56 -12.99
O2 UDP G . -6.92 -20.00 -12.41
O4 UDP G . -5.29 -17.88 -16.10
C1' UDP G . -7.42 -17.67 -10.98
C2' UDP G . -6.57 -16.93 -9.98
O2' UDP G . -5.89 -17.87 -9.17
C3' UDP G . -7.51 -16.09 -9.17
C4' UDP G . -8.83 -16.18 -9.87
O4' UDP G . -8.71 -17.05 -11.00
O3' UDP G . -7.66 -16.67 -7.87
C5' UDP G . -9.28 -14.80 -10.36
O5' UDP G . -8.37 -14.38 -11.34
PA UDP G . -8.71 -13.03 -12.16
O1A UDP G . -7.60 -12.62 -13.27
O2A UDP G . -10.20 -13.27 -12.76
O3A UDP G . -8.94 -11.91 -11.02
PB UDP G . -7.91 -11.28 -9.96
O1B UDP G . -6.35 -11.35 -10.41
O2B UDP G . -8.24 -12.05 -8.58
O3B UDP G . -8.46 -9.79 -9.72
#